data_4OC2
#
_entry.id   4OC2
#
_cell.length_a   101.338
_cell.length_b   130.247
_cell.length_c   159.073
_cell.angle_alpha   90.00
_cell.angle_beta   90.00
_cell.angle_gamma   90.00
#
_symmetry.space_group_name_H-M   'I 2 2 2'
#
loop_
_entity.id
_entity.type
_entity.pdbx_description
1 polymer 'Glutamate carboxypeptidase 2'
2 branched 2-acetamido-2-deoxy-beta-D-glucopyranose-(1-4)-2-acetamido-2-deoxy-beta-D-glucopyranose
3 branched alpha-L-fucopyranose-(1-6)-2-acetamido-2-deoxy-beta-D-glucopyranose
4 branched 2-acetamido-2-deoxy-beta-D-glucopyranose-(1-4)-[alpha-L-fucopyranose-(1-6)]2-acetamido-2-deoxy-beta-D-glucopyranose
5 branched beta-D-mannopyranose-(1-4)-2-acetamido-2-deoxy-beta-D-glucopyranose-(1-4)-2-acetamido-2-deoxy-beta-D-glucopyranose
6 branched alpha-D-mannopyranose-(1-3)-beta-D-mannopyranose-(1-4)-2-acetamido-2-deoxy-beta-D-glucopyranose-(1-4)-2-acetamido-2-deoxy-beta-D-glucopyranose
7 non-polymer 2-acetamido-2-deoxy-beta-D-glucopyranose
8 non-polymer 'ZINC ION'
9 non-polymer 'CALCIUM ION'
10 non-polymer 'CHLORIDE ION'
11 non-polymer N~2~-{[(1S)-1-carboxybut-3-yn-1-yl]carbamoyl}-N~6~-(4-iodobenzoyl)-L-lysine
12 water water
#
_entity_poly.entity_id   1
_entity_poly.type   'polypeptide(L)'
_entity_poly.pdbx_seq_one_letter_code
;RSKSSNEATNITPKHNMKAFLDELKAENIKKFLYNFTQIPHLAGTEQNFQLAKQIQSQWKEFGLDSVELAHYDVLLSYPN
KTHPNYISIINEDGNEIFNTSLFEPPPPGYENVSDIVPPFSAFSPQGMPEGDLVYVNYARTEDFFKLERDMKINCSGKIV
IARYGKVFRGNKVKNAQLAGAKGVILYSDPADYFAPGVKSYPDGWNLPGGGVQRGNILNLNGAGDPLTPGYPANEYAYRR
GIAEAVGLPSIPVHPIGYYDAQKLLEKMGGSAPPDSSWRGSLKVPYNVGPGFTGNFSTQKVKMHIHSTNEVTRIYNVIGT
LRGAVEPDRYVILGGHRDSWVFGGIDPQSGAAVVHEIVRSFGTLKKEGWRPRRTILFASWDAEEFGLLGSTEWAEENSRL
LQERGVAYINADSSIEGNYTLRVDCTPLMYSLVHNLTKELKSPDEGFEGKSLYESWTKKSPSPEFSGMPRISKLGSGNDF
EVFFQRLGIASGRARYTKNWETNKFSGYPLYHSVYETYELVEKFYDPMFKYHLTVAQVRGGMVFELANSIVLPFDCRDYA
VVLRKYADKIYSISMKHPQEMKTYSVSFDSLFSAVKNFTEIASKFSERLQDFDKSNPIVLRMMNDQLMFLERAFIDPLGL
PDRPFYRHVIYAPSSHNKYAGESFPGIYDALFDIESKVDPSKAWGEVKRQIYVAAFTVQAAAETLSEVA
;
_entity_poly.pdbx_strand_id   A
#
loop_
_chem_comp.id
_chem_comp.type
_chem_comp.name
_chem_comp.formula
2QQ non-polymer N~2~-{[(1S)-1-carboxybut-3-yn-1-yl]carbamoyl}-N~6~-(4-iodobenzoyl)-L-lysine 'C19 H22 I N3 O6'
BMA D-saccharide, beta linking beta-D-mannopyranose 'C6 H12 O6'
CA non-polymer 'CALCIUM ION' 'Ca 2'
CL non-polymer 'CHLORIDE ION' 'Cl -1'
FUC L-saccharide, alpha linking alpha-L-fucopyranose 'C6 H12 O5'
MAN D-saccharide, alpha linking alpha-D-mannopyranose 'C6 H12 O6'
NAG D-saccharide, beta linking 2-acetamido-2-deoxy-beta-D-glucopyranose 'C8 H15 N O6'
ZN non-polymer 'ZINC ION' 'Zn 2'
#
# COMPACT_ATOMS: atom_id res chain seq x y z
N LYS A 14 26.18 -9.08 -26.56
CA LYS A 14 26.28 -8.94 -25.08
C LYS A 14 24.95 -9.18 -24.37
N HIS A 15 25.03 -9.74 -23.17
CA HIS A 15 23.87 -9.89 -22.31
C HIS A 15 24.11 -9.02 -21.10
N ASN A 16 23.73 -7.75 -21.21
CA ASN A 16 23.89 -6.80 -20.13
C ASN A 16 22.55 -6.11 -19.89
N MET A 17 22.56 -5.06 -19.09
CA MET A 17 21.28 -4.44 -18.78
C MET A 17 20.64 -3.79 -20.02
N LYS A 18 21.46 -3.18 -20.86
CA LYS A 18 20.93 -2.54 -22.06
C LYS A 18 20.22 -3.56 -22.95
N ALA A 19 20.76 -4.79 -23.03
CA ALA A 19 20.08 -5.85 -23.81
C ALA A 19 18.69 -6.17 -23.20
N PHE A 20 18.65 -6.32 -21.89
CA PHE A 20 17.39 -6.57 -21.19
C PHE A 20 16.36 -5.43 -21.45
N LEU A 21 16.80 -4.20 -21.24
CA LEU A 21 15.90 -3.06 -21.40
C LEU A 21 15.42 -2.90 -22.85
N ASP A 22 16.31 -3.12 -23.81
CA ASP A 22 15.92 -2.93 -25.22
C ASP A 22 14.88 -3.94 -25.69
N GLU A 23 14.80 -5.09 -25.01
CA GLU A 23 13.88 -6.15 -25.40
C GLU A 23 12.44 -5.81 -24.98
N LEU A 24 12.29 -5.00 -23.92
CA LEU A 24 10.97 -4.51 -23.48
C LEU A 24 10.26 -3.68 -24.53
N LYS A 25 8.99 -3.99 -24.82
CA LYS A 25 8.25 -3.27 -25.88
C LYS A 25 6.92 -2.75 -25.38
N ALA A 26 6.64 -1.47 -25.66
CA ALA A 26 5.36 -0.84 -25.31
C ALA A 26 4.21 -1.65 -25.92
N GLU A 27 4.37 -2.10 -27.17
CA GLU A 27 3.30 -2.79 -27.87
C GLU A 27 2.93 -4.12 -27.19
N ASN A 28 3.90 -4.80 -26.60
CA ASN A 28 3.58 -6.03 -25.87
C ASN A 28 2.84 -5.75 -24.57
N ILE A 29 3.20 -4.68 -23.88
CA ILE A 29 2.53 -4.32 -22.62
C ILE A 29 1.05 -4.01 -22.94
N LYS A 30 0.83 -3.30 -24.05
CA LYS A 30 -0.52 -2.96 -24.49
C LYS A 30 -1.32 -4.25 -24.76
N LYS A 31 -0.74 -5.19 -25.50
CA LYS A 31 -1.43 -6.42 -25.82
C LYS A 31 -1.76 -7.19 -24.54
N PHE A 32 -0.84 -7.22 -23.58
CA PHE A 32 -1.08 -7.94 -22.33
C PHE A 32 -2.18 -7.24 -21.51
N LEU A 33 -2.13 -5.91 -21.46
CA LEU A 33 -3.14 -5.18 -20.68
C LEU A 33 -4.52 -5.49 -21.24
N TYR A 34 -4.67 -5.43 -22.56
CA TYR A 34 -5.96 -5.77 -23.17
C TYR A 34 -6.38 -7.19 -22.76
N ASN A 35 -5.45 -8.13 -22.84
CA ASN A 35 -5.75 -9.52 -22.54
C ASN A 35 -6.21 -9.75 -21.09
N PHE A 36 -5.71 -8.92 -20.18
CA PHE A 36 -5.96 -9.11 -18.76
C PHE A 36 -7.20 -8.38 -18.25
N THR A 37 -7.86 -7.58 -19.12
CA THR A 37 -8.89 -6.71 -18.59
C THR A 37 -10.25 -6.86 -19.26
N GLN A 38 -10.48 -7.98 -19.94
CA GLN A 38 -11.74 -8.16 -20.68
C GLN A 38 -12.90 -8.65 -19.80
N ILE A 39 -12.54 -9.32 -18.70
CA ILE A 39 -13.53 -9.87 -17.76
C ILE A 39 -13.06 -9.61 -16.33
N PRO A 40 -14.00 -9.61 -15.36
CA PRO A 40 -13.56 -9.35 -13.98
C PRO A 40 -12.67 -10.47 -13.46
N HIS A 41 -11.73 -10.13 -12.58
CA HIS A 41 -10.86 -11.19 -11.98
C HIS A 41 -10.82 -11.03 -10.45
N LEU A 42 -12.01 -11.06 -9.88
CA LEU A 42 -12.18 -10.94 -8.44
C LEU A 42 -11.57 -12.11 -7.72
N ALA A 43 -10.87 -11.81 -6.61
CA ALA A 43 -10.24 -12.91 -5.85
C ALA A 43 -11.26 -13.96 -5.43
N GLY A 44 -10.85 -15.23 -5.58
CA GLY A 44 -11.67 -16.38 -5.19
C GLY A 44 -12.68 -16.81 -6.22
N THR A 45 -12.72 -16.15 -7.38
CA THR A 45 -13.64 -16.56 -8.43
C THR A 45 -12.96 -17.45 -9.47
N GLU A 46 -13.78 -18.20 -10.23
CA GLU A 46 -13.24 -19.06 -11.28
C GLU A 46 -12.43 -18.28 -12.35
N GLN A 47 -12.89 -17.08 -12.71
CA GLN A 47 -12.20 -16.29 -13.71
C GLN A 47 -10.78 -15.95 -13.30
N ASN A 48 -10.60 -15.65 -12.02
CA ASN A 48 -9.27 -15.33 -11.52
C ASN A 48 -8.34 -16.59 -11.51
N PHE A 49 -8.91 -17.77 -11.22
CA PHE A 49 -8.14 -19.01 -11.27
C PHE A 49 -7.74 -19.31 -12.70
N GLN A 50 -8.67 -19.12 -13.64
CA GLN A 50 -8.32 -19.31 -15.05
C GLN A 50 -7.18 -18.37 -15.51
N LEU A 51 -7.20 -17.12 -15.05
CA LEU A 51 -6.11 -16.20 -15.40
C LEU A 51 -4.81 -16.68 -14.76
N ALA A 52 -4.87 -17.16 -13.51
CA ALA A 52 -3.66 -17.72 -12.87
C ALA A 52 -3.05 -18.83 -13.73
N LYS A 53 -3.90 -19.70 -14.22
CA LYS A 53 -3.41 -20.83 -15.04
C LYS A 53 -2.82 -20.34 -16.35
N GLN A 54 -3.43 -19.29 -16.92
CA GLN A 54 -2.90 -18.71 -18.16
C GLN A 54 -1.48 -18.15 -17.94
N ILE A 55 -1.32 -17.40 -16.85
CA ILE A 55 -0.03 -16.77 -16.55
C ILE A 55 1.01 -17.83 -16.28
N GLN A 56 0.61 -18.88 -15.54
CA GLN A 56 1.53 -19.98 -15.29
C GLN A 56 2.03 -20.58 -16.61
N SER A 57 1.10 -20.87 -17.53
N SER A 57 1.10 -20.88 -17.53
CA SER A 57 1.47 -21.45 -18.81
CA SER A 57 1.45 -21.45 -18.83
C SER A 57 2.39 -20.52 -19.59
C SER A 57 2.37 -20.53 -19.61
N GLN A 58 2.04 -19.23 -19.64
CA GLN A 58 2.82 -18.24 -20.39
C GLN A 58 4.23 -18.04 -19.82
N TRP A 59 4.36 -17.94 -18.49
CA TRP A 59 5.67 -17.78 -17.89
C TRP A 59 6.58 -18.98 -18.20
N LYS A 60 6.00 -20.19 -18.25
CA LYS A 60 6.75 -21.38 -18.68
C LYS A 60 7.21 -21.21 -20.13
N GLU A 61 6.28 -20.83 -21.01
N GLU A 61 6.32 -20.84 -21.04
CA GLU A 61 6.57 -20.63 -22.45
CA GLU A 61 6.69 -20.69 -22.45
C GLU A 61 7.70 -19.58 -22.58
C GLU A 61 7.68 -19.54 -22.64
N PHE A 62 7.61 -18.53 -21.77
CA PHE A 62 8.59 -17.42 -21.79
C PHE A 62 10.00 -17.84 -21.39
N GLY A 63 10.14 -18.96 -20.68
CA GLY A 63 11.45 -19.56 -20.44
C GLY A 63 11.83 -19.70 -18.97
N LEU A 64 10.90 -19.41 -18.03
CA LEU A 64 11.26 -19.64 -16.60
C LEU A 64 11.55 -21.12 -16.28
N ASP A 65 12.43 -21.37 -15.30
CA ASP A 65 12.82 -22.73 -14.93
C ASP A 65 11.70 -23.56 -14.30
N SER A 66 10.92 -22.91 -13.44
N SER A 66 10.91 -22.91 -13.45
CA SER A 66 9.78 -23.57 -12.82
CA SER A 66 9.78 -23.55 -12.80
C SER A 66 8.70 -22.49 -12.61
C SER A 66 8.71 -22.50 -12.60
N VAL A 67 7.44 -22.90 -12.73
CA VAL A 67 6.33 -21.97 -12.47
C VAL A 67 5.24 -22.81 -11.81
N GLU A 68 4.93 -22.48 -10.54
CA GLU A 68 3.99 -23.27 -9.78
C GLU A 68 2.87 -22.39 -9.26
N LEU A 69 1.72 -23.00 -8.96
CA LEU A 69 0.68 -22.26 -8.23
C LEU A 69 0.81 -22.60 -6.74
N ALA A 70 0.74 -21.58 -5.91
CA ALA A 70 0.76 -21.80 -4.45
C ALA A 70 -0.63 -21.33 -3.98
N HIS A 71 -1.44 -22.27 -3.46
CA HIS A 71 -2.81 -21.90 -3.06
C HIS A 71 -2.97 -21.90 -1.52
N TYR A 72 -3.97 -21.15 -1.05
CA TYR A 72 -4.26 -21.00 0.41
C TYR A 72 -5.77 -20.86 0.51
N ASP A 73 -6.33 -21.14 1.68
CA ASP A 73 -7.80 -20.99 1.87
C ASP A 73 -7.96 -19.92 2.93
N VAL A 74 -8.40 -18.72 2.50
CA VAL A 74 -8.35 -17.53 3.36
C VAL A 74 -9.76 -16.93 3.48
N LEU A 75 -9.97 -16.12 4.52
CA LEU A 75 -11.27 -15.44 4.66
C LEU A 75 -11.40 -14.33 3.63
N LEU A 76 -12.41 -14.46 2.76
CA LEU A 76 -12.80 -13.37 1.82
C LEU A 76 -14.20 -12.87 2.21
N SER A 77 -14.72 -11.90 1.48
CA SER A 77 -16.01 -11.30 1.81
C SER A 77 -16.71 -10.94 0.50
N TYR A 78 -17.99 -11.26 0.39
CA TYR A 78 -18.74 -10.97 -0.82
C TYR A 78 -20.17 -10.55 -0.49
N PRO A 79 -20.73 -9.66 -1.31
CA PRO A 79 -22.18 -9.40 -1.12
C PRO A 79 -23.05 -10.62 -1.37
N ASN A 80 -24.27 -10.58 -0.84
CA ASN A 80 -25.22 -11.67 -1.10
C ASN A 80 -25.97 -11.29 -2.39
N LYS A 81 -25.81 -12.12 -3.42
CA LYS A 81 -26.40 -11.89 -4.76
C LYS A 81 -27.93 -11.77 -4.74
N THR A 82 -28.58 -12.46 -3.80
CA THR A 82 -30.04 -12.43 -3.73
C THR A 82 -30.60 -11.61 -2.56
N HIS A 83 -29.76 -10.82 -1.90
CA HIS A 83 -30.14 -9.95 -0.78
C HIS A 83 -29.21 -8.72 -0.79
N PRO A 84 -29.43 -7.78 -1.72
CA PRO A 84 -28.45 -6.71 -1.99
C PRO A 84 -28.28 -5.69 -0.87
N ASN A 85 -27.07 -5.17 -0.76
CA ASN A 85 -26.78 -4.10 0.18
C ASN A 85 -27.30 -2.77 -0.32
N TYR A 86 -27.89 -1.99 0.59
CA TYR A 86 -28.27 -0.61 0.23
C TYR A 86 -28.49 0.21 1.47
N ILE A 87 -28.59 1.54 1.29
CA ILE A 87 -28.93 2.46 2.36
C ILE A 87 -30.22 3.19 2.00
N SER A 88 -31.02 3.46 3.04
CA SER A 88 -32.28 4.22 2.91
C SER A 88 -32.36 5.45 3.80
N ILE A 89 -33.16 6.43 3.36
CA ILE A 89 -33.73 7.40 4.28
C ILE A 89 -35.13 6.85 4.53
N ILE A 90 -35.46 6.71 5.82
N ILE A 90 -35.46 6.73 5.82
CA ILE A 90 -36.71 6.10 6.25
CA ILE A 90 -36.71 6.14 6.27
C ILE A 90 -37.52 7.14 7.04
C ILE A 90 -37.52 7.19 7.01
N ASN A 91 -38.84 7.17 6.86
CA ASN A 91 -39.68 8.12 7.58
C ASN A 91 -40.22 7.58 8.91
N GLU A 92 -40.91 8.44 9.64
CA GLU A 92 -41.58 8.13 10.91
C GLU A 92 -42.34 6.81 10.94
N ASP A 93 -42.92 6.45 9.80
CA ASP A 93 -43.78 5.26 9.68
C ASP A 93 -42.98 4.00 9.37
N GLY A 94 -41.78 4.19 8.85
CA GLY A 94 -40.96 3.07 8.43
C GLY A 94 -41.00 2.86 6.93
N ASN A 95 -41.45 3.87 6.19
CA ASN A 95 -41.36 3.84 4.74
C ASN A 95 -39.97 4.32 4.27
N GLU A 96 -39.33 3.52 3.43
CA GLU A 96 -38.02 3.89 2.86
C GLU A 96 -38.29 4.78 1.67
N ILE A 97 -38.06 6.08 1.84
CA ILE A 97 -38.41 7.08 0.83
C ILE A 97 -37.31 7.40 -0.18
N PHE A 98 -36.08 6.96 0.12
CA PHE A 98 -35.00 7.06 -0.81
C PHE A 98 -34.09 5.84 -0.61
N ASN A 99 -33.66 5.24 -1.70
CA ASN A 99 -32.69 4.13 -1.68
C ASN A 99 -31.47 4.41 -2.53
N THR A 100 -30.30 4.06 -2.01
CA THR A 100 -29.09 4.16 -2.79
C THR A 100 -29.07 3.06 -3.86
N SER A 101 -28.18 3.24 -4.84
N SER A 101 -28.18 3.24 -4.85
CA SER A 101 -28.15 2.40 -6.01
CA SER A 101 -28.14 2.37 -6.02
C SER A 101 -27.69 0.98 -5.68
C SER A 101 -27.72 0.97 -5.66
N LEU A 102 -28.22 -0.01 -6.40
CA LEU A 102 -27.79 -1.42 -6.22
C LEU A 102 -26.56 -1.80 -7.05
N PHE A 103 -26.16 -0.94 -7.97
CA PHE A 103 -25.00 -1.23 -8.82
C PHE A 103 -24.57 0.06 -9.54
N GLU A 104 -23.31 0.11 -10.00
CA GLU A 104 -22.83 1.23 -10.85
C GLU A 104 -23.29 1.01 -12.30
N PRO A 105 -23.80 2.06 -12.97
CA PRO A 105 -24.13 1.90 -14.40
C PRO A 105 -22.92 1.35 -15.16
N PRO A 106 -23.04 0.19 -15.81
CA PRO A 106 -21.80 -0.30 -16.40
C PRO A 106 -21.30 0.54 -17.57
N PRO A 107 -19.97 0.49 -17.82
CA PRO A 107 -19.44 1.28 -18.94
C PRO A 107 -19.89 0.78 -20.32
N PRO A 108 -19.81 1.63 -21.35
CA PRO A 108 -20.26 1.25 -22.69
C PRO A 108 -19.63 -0.02 -23.25
N GLY A 109 -20.49 -0.93 -23.72
CA GLY A 109 -20.00 -2.14 -24.35
C GLY A 109 -19.79 -3.27 -23.36
N TYR A 110 -19.89 -2.95 -22.08
N TYR A 110 -19.94 -2.95 -22.06
CA TYR A 110 -19.83 -3.99 -21.10
CA TYR A 110 -19.79 -3.90 -20.91
C TYR A 110 -21.29 -4.37 -20.80
C TYR A 110 -21.08 -4.04 -20.10
N GLU A 111 -22.14 -3.36 -20.54
CA GLU A 111 -23.48 -3.50 -19.93
C GLU A 111 -24.09 -4.94 -19.83
N ASN A 112 -23.49 -5.91 -20.54
CA ASN A 112 -23.88 -7.34 -20.50
C ASN A 112 -22.78 -8.25 -19.92
N VAL A 113 -21.74 -7.66 -19.38
CA VAL A 113 -20.80 -8.46 -18.61
C VAL A 113 -21.54 -8.88 -17.33
N SER A 114 -21.36 -10.14 -16.96
CA SER A 114 -21.93 -10.62 -15.72
C SER A 114 -20.81 -10.76 -14.69
N ASP A 115 -21.24 -11.02 -13.46
CA ASP A 115 -20.34 -11.17 -12.35
C ASP A 115 -19.52 -9.90 -12.12
N ILE A 116 -20.09 -8.73 -12.40
CA ILE A 116 -19.47 -7.51 -11.84
C ILE A 116 -19.95 -7.41 -10.39
N VAL A 117 -19.04 -7.47 -9.44
CA VAL A 117 -19.42 -7.35 -8.05
C VAL A 117 -19.96 -5.94 -7.78
N PRO A 118 -21.16 -5.82 -7.21
CA PRO A 118 -21.61 -4.47 -6.88
C PRO A 118 -20.76 -3.83 -5.79
N PRO A 119 -20.78 -2.49 -5.72
CA PRO A 119 -19.99 -1.82 -4.69
C PRO A 119 -20.35 -2.30 -3.29
N PHE A 120 -19.31 -2.55 -2.49
CA PHE A 120 -19.50 -3.00 -1.11
C PHE A 120 -18.20 -2.77 -0.40
N SER A 121 -18.25 -2.76 0.94
CA SER A 121 -17.04 -2.65 1.74
C SER A 121 -16.68 -4.04 2.23
N ALA A 122 -15.58 -4.59 1.70
CA ALA A 122 -15.24 -5.99 2.07
C ALA A 122 -14.89 -6.10 3.55
N PHE A 123 -15.50 -7.11 4.18
CA PHE A 123 -15.37 -7.51 5.58
C PHE A 123 -16.33 -6.76 6.49
N SER A 124 -17.21 -5.91 5.93
CA SER A 124 -18.28 -5.35 6.76
C SER A 124 -19.06 -6.50 7.43
N PRO A 125 -19.36 -6.36 8.73
CA PRO A 125 -20.34 -7.29 9.29
C PRO A 125 -21.75 -6.97 8.77
N GLN A 126 -22.65 -7.91 9.01
CA GLN A 126 -24.06 -7.69 8.64
C GLN A 126 -24.75 -6.81 9.65
N GLY A 127 -25.77 -6.10 9.20
CA GLY A 127 -26.65 -5.40 10.14
C GLY A 127 -27.60 -4.48 9.42
N MET A 128 -28.60 -4.03 10.17
CA MET A 128 -29.55 -3.04 9.67
C MET A 128 -29.73 -1.86 10.66
N PRO A 129 -28.61 -1.22 11.06
CA PRO A 129 -28.68 -0.08 11.99
C PRO A 129 -29.45 1.10 11.37
N GLU A 130 -30.19 1.81 12.20
CA GLU A 130 -30.93 2.95 11.71
C GLU A 130 -30.75 4.03 12.74
N GLY A 131 -30.46 5.25 12.28
CA GLY A 131 -30.11 6.30 13.21
C GLY A 131 -29.97 7.65 12.55
N ASP A 132 -29.43 8.59 13.31
CA ASP A 132 -29.20 9.94 12.81
C ASP A 132 -27.76 9.99 12.27
N LEU A 133 -27.59 10.78 11.22
CA LEU A 133 -26.29 10.96 10.58
C LEU A 133 -25.42 11.99 11.30
N VAL A 134 -24.11 11.69 11.39
CA VAL A 134 -23.14 12.74 11.69
C VAL A 134 -22.11 12.75 10.55
N TYR A 135 -21.80 13.93 10.04
CA TYR A 135 -20.79 14.06 8.98
C TYR A 135 -19.42 14.35 9.60
N VAL A 136 -18.41 13.56 9.21
N VAL A 136 -18.42 13.54 9.27
CA VAL A 136 -17.13 13.56 9.91
CA VAL A 136 -17.12 13.64 9.94
C VAL A 136 -15.95 13.88 8.99
C VAL A 136 -15.95 13.92 9.01
N ASN A 137 -16.22 14.60 7.90
CA ASN A 137 -15.18 15.00 6.93
C ASN A 137 -14.51 13.72 6.40
N TYR A 138 -13.17 13.62 6.49
CA TYR A 138 -12.47 12.41 6.03
C TYR A 138 -12.37 11.34 7.10
N ALA A 139 -13.02 11.58 8.25
CA ALA A 139 -12.99 10.61 9.37
C ALA A 139 -11.54 10.29 9.81
N ARG A 140 -10.66 11.28 9.67
CA ARG A 140 -9.28 11.15 10.20
C ARG A 140 -9.26 11.33 11.72
N THR A 141 -8.15 10.93 12.34
CA THR A 141 -8.01 11.13 13.77
C THR A 141 -8.29 12.60 14.15
N GLU A 142 -7.73 13.52 13.36
CA GLU A 142 -7.87 14.95 13.70
C GLU A 142 -9.31 15.44 13.46
N ASP A 143 -10.03 14.79 12.54
CA ASP A 143 -11.43 15.20 12.28
C ASP A 143 -12.29 14.82 13.49
N PHE A 144 -12.07 13.61 14.02
CA PHE A 144 -12.76 13.19 15.25
C PHE A 144 -12.33 14.00 16.46
N PHE A 145 -11.05 14.44 16.51
CA PHE A 145 -10.62 15.32 17.62
C PHE A 145 -11.41 16.63 17.54
N LYS A 146 -11.54 17.16 16.33
CA LYS A 146 -12.30 18.40 16.12
C LYS A 146 -13.77 18.26 16.55
N LEU A 147 -14.40 17.15 16.16
CA LEU A 147 -15.80 16.89 16.53
C LEU A 147 -16.04 16.75 18.02
N GLU A 148 -15.30 15.85 18.67
CA GLU A 148 -15.51 15.51 20.08
C GLU A 148 -14.96 16.58 21.02
N ARG A 149 -13.74 17.02 20.77
CA ARG A 149 -13.03 17.89 21.72
C ARG A 149 -13.44 19.35 21.57
N ASP A 150 -13.57 19.81 20.32
CA ASP A 150 -13.85 21.22 20.08
C ASP A 150 -15.33 21.54 19.89
N MET A 151 -16.02 20.71 19.11
CA MET A 151 -17.42 20.97 18.75
C MET A 151 -18.41 20.33 19.71
N LYS A 152 -17.89 19.42 20.54
CA LYS A 152 -18.64 18.68 21.55
C LYS A 152 -19.80 17.92 20.94
N ILE A 153 -19.54 17.31 19.79
CA ILE A 153 -20.55 16.48 19.14
C ILE A 153 -20.22 15.03 19.43
N ASN A 154 -21.19 14.31 19.94
CA ASN A 154 -20.98 12.95 20.36
C ASN A 154 -21.47 11.98 19.27
N CYS A 155 -20.57 11.12 18.78
CA CYS A 155 -20.89 10.19 17.71
C CYS A 155 -21.52 8.90 18.17
N SER A 156 -21.64 8.70 19.48
CA SER A 156 -22.14 7.44 20.00
C SER A 156 -23.59 7.16 19.58
N GLY A 157 -23.79 5.96 19.00
CA GLY A 157 -25.10 5.55 18.51
C GLY A 157 -25.53 6.21 17.20
N LYS A 158 -24.63 6.96 16.57
CA LYS A 158 -24.97 7.65 15.31
C LYS A 158 -24.40 6.86 14.13
N ILE A 159 -24.94 7.10 12.93
CA ILE A 159 -24.33 6.61 11.68
C ILE A 159 -23.43 7.72 11.18
N VAL A 160 -22.16 7.43 10.95
N VAL A 160 -22.15 7.44 10.96
CA VAL A 160 -21.34 8.52 10.46
CA VAL A 160 -21.24 8.46 10.46
C VAL A 160 -21.27 8.43 8.95
C VAL A 160 -21.16 8.42 8.94
N ILE A 161 -21.21 9.59 8.32
CA ILE A 161 -20.94 9.67 6.90
C ILE A 161 -19.65 10.43 6.68
N ALA A 162 -18.77 9.83 5.89
CA ALA A 162 -17.44 10.34 5.73
C ALA A 162 -17.08 10.30 4.26
N ARG A 163 -16.36 11.33 3.79
CA ARG A 163 -15.81 11.25 2.43
C ARG A 163 -14.54 10.45 2.37
N TYR A 164 -14.40 9.70 1.27
CA TYR A 164 -13.15 8.99 0.97
C TYR A 164 -12.05 10.03 0.73
N GLY A 165 -10.81 9.61 0.95
CA GLY A 165 -9.66 10.43 0.63
C GLY A 165 -8.75 10.57 1.82
N LYS A 166 -7.53 11.00 1.53
CA LYS A 166 -6.49 11.39 2.54
C LYS A 166 -5.90 10.25 3.32
N VAL A 167 -6.71 9.29 3.77
CA VAL A 167 -6.18 8.17 4.54
C VAL A 167 -6.88 6.87 4.12
N PHE A 168 -6.22 5.77 4.38
CA PHE A 168 -6.83 4.43 4.16
C PHE A 168 -8.21 4.29 4.79
N ARG A 169 -9.16 3.72 4.03
CA ARG A 169 -10.55 3.69 4.51
C ARG A 169 -10.71 2.87 5.77
N GLY A 170 -9.85 1.87 5.97
CA GLY A 170 -9.96 1.09 7.19
C GLY A 170 -9.64 1.95 8.43
N ASN A 171 -8.75 2.95 8.29
CA ASN A 171 -8.51 3.91 9.40
C ASN A 171 -9.78 4.70 9.74
N LYS A 172 -10.52 5.11 8.70
CA LYS A 172 -11.81 5.83 8.93
C LYS A 172 -12.76 4.99 9.76
N VAL A 173 -12.87 3.72 9.38
CA VAL A 173 -13.79 2.82 10.01
C VAL A 173 -13.39 2.56 11.47
N LYS A 174 -12.11 2.29 11.72
CA LYS A 174 -11.63 2.11 13.09
C LYS A 174 -11.90 3.36 13.91
N ASN A 175 -11.63 4.55 13.35
CA ASN A 175 -11.86 5.81 14.07
C ASN A 175 -13.35 5.97 14.43
N ALA A 176 -14.22 5.64 13.48
CA ALA A 176 -15.69 5.75 13.72
C ALA A 176 -16.14 4.77 14.82
N GLN A 177 -15.57 3.58 14.82
CA GLN A 177 -15.90 2.56 15.84
C GLN A 177 -15.53 3.02 17.23
N LEU A 178 -14.32 3.55 17.37
CA LEU A 178 -13.83 4.05 18.65
C LEU A 178 -14.58 5.27 19.11
N ALA A 179 -15.15 6.01 18.18
CA ALA A 179 -16.05 7.12 18.52
C ALA A 179 -17.46 6.65 18.95
N GLY A 180 -17.75 5.36 18.84
CA GLY A 180 -19.08 4.84 19.25
C GLY A 180 -20.11 4.78 18.13
N ALA A 181 -19.69 4.97 16.88
CA ALA A 181 -20.65 4.98 15.74
C ALA A 181 -21.30 3.61 15.58
N LYS A 182 -22.55 3.55 15.14
CA LYS A 182 -23.13 2.23 14.89
C LYS A 182 -23.11 1.81 13.42
N GLY A 183 -22.57 2.67 12.56
CA GLY A 183 -22.37 2.34 11.14
C GLY A 183 -21.61 3.44 10.43
N VAL A 184 -21.07 3.15 9.24
CA VAL A 184 -20.30 4.13 8.48
C VAL A 184 -20.74 4.11 7.02
N ILE A 185 -21.01 5.29 6.47
CA ILE A 185 -21.25 5.40 5.05
C ILE A 185 -20.09 6.17 4.46
N LEU A 186 -19.44 5.59 3.45
CA LEU A 186 -18.27 6.19 2.80
C LEU A 186 -18.73 6.68 1.43
N TYR A 187 -18.31 7.87 0.99
CA TYR A 187 -18.72 8.34 -0.34
C TYR A 187 -17.59 9.09 -1.00
N SER A 188 -17.63 9.19 -2.33
CA SER A 188 -16.61 9.91 -3.09
C SER A 188 -17.09 11.33 -3.39
N ASP A 189 -16.47 12.33 -2.78
CA ASP A 189 -16.88 13.71 -3.04
C ASP A 189 -16.19 14.17 -4.32
N PRO A 190 -16.87 14.93 -5.19
CA PRO A 190 -16.16 15.40 -6.38
C PRO A 190 -14.98 16.32 -6.08
N ALA A 191 -14.93 16.92 -4.88
CA ALA A 191 -13.74 17.72 -4.51
C ALA A 191 -12.47 16.88 -4.63
N ASP A 192 -12.58 15.62 -4.23
CA ASP A 192 -11.45 14.67 -4.19
C ASP A 192 -11.36 13.79 -5.42
N TYR A 193 -12.48 13.55 -6.13
CA TYR A 193 -12.49 12.55 -7.21
C TYR A 193 -12.98 13.10 -8.56
N PHE A 194 -13.02 14.44 -8.70
CA PHE A 194 -13.46 15.02 -9.97
C PHE A 194 -12.52 16.21 -10.27
N ALA A 195 -11.52 15.99 -11.11
CA ALA A 195 -10.58 17.06 -11.46
C ALA A 195 -11.33 18.12 -12.28
N PRO A 196 -11.14 19.40 -11.93
CA PRO A 196 -11.80 20.48 -12.65
C PRO A 196 -11.44 20.42 -14.14
N GLY A 197 -12.43 20.58 -15.00
CA GLY A 197 -12.20 20.71 -16.44
C GLY A 197 -12.01 19.43 -17.23
N VAL A 198 -12.13 18.27 -16.59
CA VAL A 198 -12.15 17.00 -17.35
C VAL A 198 -13.51 16.31 -17.24
N LYS A 199 -13.86 15.55 -18.27
CA LYS A 199 -15.16 14.90 -18.34
C LYS A 199 -15.20 13.60 -17.54
N SER A 200 -16.40 13.22 -17.09
CA SER A 200 -16.63 11.91 -16.42
C SER A 200 -16.46 10.81 -17.44
N TYR A 201 -16.11 9.60 -16.97
CA TYR A 201 -16.04 8.44 -17.84
C TYR A 201 -17.46 8.23 -18.42
N PRO A 202 -17.56 7.89 -19.74
CA PRO A 202 -16.53 7.42 -20.66
C PRO A 202 -15.85 8.47 -21.52
N ASP A 203 -16.12 9.73 -21.24
CA ASP A 203 -15.61 10.79 -22.09
C ASP A 203 -14.36 11.45 -21.54
N GLY A 204 -13.94 11.02 -20.35
CA GLY A 204 -12.70 11.49 -19.74
C GLY A 204 -12.43 10.59 -18.56
N TRP A 205 -11.50 11.01 -17.71
CA TRP A 205 -11.02 10.12 -16.65
C TRP A 205 -11.61 10.41 -15.28
N ASN A 206 -12.64 11.27 -15.22
CA ASN A 206 -13.27 11.56 -13.92
C ASN A 206 -14.34 10.57 -13.50
N LEU A 207 -14.64 10.58 -12.20
CA LEU A 207 -15.68 9.72 -11.64
C LEU A 207 -17.05 10.32 -11.89
N PRO A 208 -17.94 9.53 -12.49
CA PRO A 208 -19.34 9.98 -12.54
C PRO A 208 -20.10 9.84 -11.22
N GLY A 209 -21.27 10.47 -11.16
CA GLY A 209 -22.01 10.55 -9.90
C GLY A 209 -22.51 9.20 -9.42
N GLY A 210 -22.63 8.25 -10.36
CA GLY A 210 -23.01 6.87 -10.05
C GLY A 210 -21.81 5.96 -9.78
N GLY A 211 -20.59 6.48 -9.95
CA GLY A 211 -19.40 5.64 -9.68
C GLY A 211 -19.18 5.45 -8.18
N VAL A 212 -18.62 4.29 -7.80
CA VAL A 212 -18.39 3.99 -6.40
C VAL A 212 -17.05 3.26 -6.24
N GLN A 213 -16.33 3.63 -5.19
CA GLN A 213 -15.02 3.03 -4.88
C GLN A 213 -15.27 1.84 -3.96
N ARG A 214 -14.95 0.65 -4.48
CA ARG A 214 -14.90 -0.56 -3.63
C ARG A 214 -13.63 -0.54 -2.75
N GLY A 215 -13.61 -1.42 -1.77
CA GLY A 215 -12.36 -1.62 -1.01
C GLY A 215 -12.55 -2.24 0.34
N ASN A 216 -11.52 -2.98 0.78
CA ASN A 216 -11.64 -3.61 2.11
C ASN A 216 -11.51 -2.55 3.21
N ILE A 217 -12.14 -2.84 4.37
CA ILE A 217 -12.10 -1.94 5.48
C ILE A 217 -11.47 -2.61 6.71
N LEU A 218 -10.51 -3.48 6.46
N LEU A 218 -10.54 -3.52 6.42
CA LEU A 218 -9.76 -4.09 7.58
CA LEU A 218 -9.79 -4.26 7.44
C LEU A 218 -9.10 -3.02 8.45
C LEU A 218 -8.84 -3.35 8.17
N ASN A 219 -9.00 -3.33 9.75
N ASN A 219 -8.83 -3.47 9.49
CA ASN A 219 -8.07 -2.60 10.66
CA ASN A 219 -7.94 -2.66 10.31
C ASN A 219 -6.78 -3.36 10.48
C ASN A 219 -6.58 -3.28 10.21
N LEU A 220 -6.00 -2.88 9.51
N LEU A 220 -5.79 -2.78 9.27
CA LEU A 220 -4.80 -3.62 9.03
CA LEU A 220 -4.52 -3.43 8.98
C LEU A 220 -3.73 -3.69 10.12
C LEU A 220 -3.70 -3.60 10.25
N ASN A 221 -3.24 -4.90 10.38
N ASN A 221 -2.97 -4.71 10.31
CA ASN A 221 -2.13 -5.01 11.33
CA ASN A 221 -1.97 -4.87 11.35
C ASN A 221 -1.00 -5.93 10.83
C ASN A 221 -0.80 -5.68 10.77
N GLY A 222 -0.93 -6.10 9.52
CA GLY A 222 0.15 -6.89 8.91
C GLY A 222 -0.04 -8.38 9.06
N ALA A 223 -1.22 -8.82 9.47
CA ALA A 223 -1.39 -10.25 9.78
C ALA A 223 -1.65 -11.14 8.55
N GLY A 224 -2.21 -10.60 7.47
CA GLY A 224 -2.64 -11.49 6.37
C GLY A 224 -4.04 -12.04 6.64
N ASP A 225 -4.27 -13.31 6.30
CA ASP A 225 -5.60 -13.90 6.49
C ASP A 225 -6.04 -13.68 7.95
N PRO A 226 -7.23 -13.11 8.16
CA PRO A 226 -7.66 -12.85 9.52
C PRO A 226 -7.76 -14.08 10.45
N LEU A 227 -7.93 -15.27 9.85
CA LEU A 227 -8.10 -16.50 10.67
C LEU A 227 -6.81 -17.25 11.03
N THR A 228 -5.68 -16.92 10.38
CA THR A 228 -4.43 -17.68 10.56
C THR A 228 -3.18 -16.84 10.81
N PRO A 229 -3.25 -15.85 11.72
CA PRO A 229 -2.06 -14.99 11.90
C PRO A 229 -0.79 -15.74 12.31
N GLY A 230 0.30 -15.52 11.55
CA GLY A 230 1.57 -16.18 11.88
C GLY A 230 1.94 -17.38 11.02
N TYR A 231 0.90 -18.03 10.44
CA TYR A 231 1.09 -19.33 9.80
C TYR A 231 0.32 -19.35 8.48
N PRO A 232 0.83 -20.09 7.50
CA PRO A 232 0.11 -20.10 6.22
C PRO A 232 -1.22 -20.89 6.32
N ALA A 233 -2.20 -20.35 5.59
CA ALA A 233 -3.57 -20.93 5.56
C ALA A 233 -3.61 -22.15 4.62
N ASN A 234 -2.83 -23.17 4.97
CA ASN A 234 -2.70 -24.38 4.14
C ASN A 234 -3.83 -25.36 4.49
N GLU A 235 -3.71 -26.62 4.04
CA GLU A 235 -4.84 -27.53 4.15
C GLU A 235 -5.16 -27.94 5.59
N TYR A 236 -4.15 -27.91 6.47
CA TYR A 236 -4.38 -28.40 7.84
C TYR A 236 -4.37 -27.28 8.87
N ALA A 237 -4.45 -26.05 8.41
CA ALA A 237 -4.28 -24.93 9.30
C ALA A 237 -5.40 -24.87 10.33
N TYR A 238 -5.05 -24.46 11.54
CA TYR A 238 -6.05 -24.23 12.59
C TYR A 238 -6.50 -22.80 12.40
N ARG A 239 -7.81 -22.61 12.39
CA ARG A 239 -8.36 -21.28 12.19
C ARG A 239 -8.95 -20.73 13.46
N ARG A 240 -8.68 -19.45 13.70
CA ARG A 240 -9.44 -18.71 14.73
C ARG A 240 -10.90 -18.67 14.39
N GLY A 241 -11.73 -18.56 15.43
CA GLY A 241 -13.13 -18.26 15.21
C GLY A 241 -13.24 -16.81 14.80
N ILE A 242 -14.34 -16.49 14.13
N ILE A 242 -14.36 -16.51 14.14
CA ILE A 242 -14.59 -15.14 13.61
CA ILE A 242 -14.62 -15.17 13.61
C ILE A 242 -14.43 -14.07 14.70
C ILE A 242 -14.52 -14.06 14.67
N ALA A 243 -14.96 -14.33 15.89
CA ALA A 243 -14.88 -13.35 17.01
C ALA A 243 -13.47 -13.01 17.43
N GLU A 244 -12.52 -13.92 17.15
CA GLU A 244 -11.13 -13.70 17.51
C GLU A 244 -10.32 -13.30 16.27
N ALA A 245 -10.97 -13.21 15.10
CA ALA A 245 -10.28 -12.93 13.84
C ALA A 245 -9.58 -11.61 13.95
N VAL A 246 -8.51 -11.49 13.16
CA VAL A 246 -7.66 -10.32 13.25
C VAL A 246 -8.10 -9.28 12.22
N GLY A 247 -8.43 -8.07 12.70
CA GLY A 247 -8.61 -6.93 11.80
C GLY A 247 -10.03 -6.62 11.36
N LEU A 248 -10.99 -7.45 11.75
CA LEU A 248 -12.36 -7.29 11.25
C LEU A 248 -13.10 -6.14 11.92
N PRO A 249 -13.81 -5.36 11.12
CA PRO A 249 -14.56 -4.25 11.73
C PRO A 249 -15.83 -4.75 12.45
N SER A 250 -16.31 -3.97 13.43
N SER A 250 -16.32 -3.97 13.42
CA SER A 250 -17.45 -4.37 14.27
CA SER A 250 -17.46 -4.38 14.24
C SER A 250 -18.77 -3.67 13.94
C SER A 250 -18.76 -3.63 13.97
N ILE A 251 -18.74 -2.71 13.01
CA ILE A 251 -19.97 -2.00 12.59
C ILE A 251 -20.16 -2.06 11.09
N PRO A 252 -21.41 -2.08 10.63
CA PRO A 252 -21.61 -2.16 9.17
C PRO A 252 -21.13 -0.91 8.41
N VAL A 253 -20.65 -1.11 7.17
CA VAL A 253 -20.06 -0.06 6.35
C VAL A 253 -20.46 -0.26 4.90
N HIS A 254 -20.70 0.83 4.17
CA HIS A 254 -21.05 0.69 2.76
C HIS A 254 -20.63 1.95 2.01
N PRO A 255 -20.11 1.80 0.78
CA PRO A 255 -19.69 2.98 0.00
C PRO A 255 -20.77 3.34 -1.04
N ILE A 256 -20.81 4.62 -1.37
CA ILE A 256 -21.81 5.19 -2.31
C ILE A 256 -21.15 6.29 -3.14
N GLY A 257 -21.80 6.65 -4.24
CA GLY A 257 -21.34 7.65 -5.17
C GLY A 257 -21.89 9.01 -4.78
N TYR A 258 -21.45 10.06 -5.46
CA TYR A 258 -21.86 11.39 -5.05
C TYR A 258 -23.31 11.79 -5.40
N TYR A 259 -23.92 11.15 -6.38
CA TYR A 259 -25.38 11.38 -6.57
C TYR A 259 -26.17 10.95 -5.34
N ASP A 260 -25.85 9.74 -4.84
CA ASP A 260 -26.52 9.24 -3.63
C ASP A 260 -26.13 10.03 -2.37
N ALA A 261 -24.85 10.39 -2.27
CA ALA A 261 -24.39 11.15 -1.10
C ALA A 261 -25.10 12.49 -1.01
N GLN A 262 -25.26 13.17 -2.14
CA GLN A 262 -26.00 14.43 -2.16
C GLN A 262 -27.39 14.29 -1.49
N LYS A 263 -28.10 13.22 -1.80
CA LYS A 263 -29.41 12.96 -1.22
C LYS A 263 -29.35 12.72 0.29
N LEU A 264 -28.28 12.07 0.77
CA LEU A 264 -28.11 11.90 2.22
C LEU A 264 -27.67 13.16 2.96
N LEU A 265 -26.85 13.99 2.30
CA LEU A 265 -26.26 15.16 2.96
C LEU A 265 -27.13 16.39 2.90
N GLU A 266 -27.98 16.47 1.88
CA GLU A 266 -28.72 17.74 1.64
C GLU A 266 -29.67 18.16 2.78
N LYS A 267 -30.19 17.17 3.50
CA LYS A 267 -31.11 17.40 4.61
C LYS A 267 -30.40 17.60 5.95
N MET A 268 -29.06 17.46 6.01
CA MET A 268 -28.36 17.53 7.30
C MET A 268 -28.45 18.87 8.07
N GLY A 269 -28.70 18.77 9.38
CA GLY A 269 -28.83 19.95 10.24
C GLY A 269 -27.78 19.98 11.33
N GLY A 270 -28.19 20.36 12.55
CA GLY A 270 -27.24 20.50 13.65
C GLY A 270 -26.25 21.60 13.34
N SER A 271 -24.98 21.40 13.68
CA SER A 271 -23.96 22.45 13.55
C SER A 271 -23.44 22.67 12.13
N ALA A 272 -23.11 23.93 11.81
CA ALA A 272 -22.35 24.26 10.59
C ALA A 272 -20.98 23.56 10.59
N PRO A 273 -20.39 23.31 9.39
CA PRO A 273 -19.01 22.78 9.32
C PRO A 273 -18.10 23.75 10.06
N PRO A 274 -17.06 23.24 10.76
CA PRO A 274 -16.30 24.18 11.58
C PRO A 274 -15.48 25.18 10.75
N ASP A 275 -15.18 24.80 9.51
CA ASP A 275 -14.38 25.63 8.62
C ASP A 275 -14.41 25.04 7.22
N SER A 276 -13.79 25.74 6.28
CA SER A 276 -13.87 25.38 4.86
C SER A 276 -13.20 24.02 4.48
N SER A 277 -12.22 23.57 5.27
CA SER A 277 -11.56 22.27 5.01
C SER A 277 -12.50 21.07 5.22
N TRP A 278 -13.71 21.37 5.72
CA TRP A 278 -14.76 20.37 5.92
C TRP A 278 -15.76 20.35 4.77
N ARG A 279 -15.73 21.38 3.92
CA ARG A 279 -16.63 21.46 2.77
C ARG A 279 -16.04 20.85 1.49
N GLY A 280 -16.77 19.89 0.91
CA GLY A 280 -16.47 19.36 -0.43
C GLY A 280 -17.09 20.27 -1.49
N SER A 281 -17.36 19.69 -2.67
CA SER A 281 -17.82 20.44 -3.86
C SER A 281 -19.31 20.26 -4.17
N LEU A 282 -20.03 19.44 -3.41
CA LEU A 282 -21.46 19.28 -3.64
C LEU A 282 -22.24 20.52 -3.20
N LYS A 283 -23.42 20.69 -3.75
CA LYS A 283 -24.23 21.83 -3.37
C LYS A 283 -25.08 21.51 -2.14
N VAL A 284 -24.39 21.28 -1.03
CA VAL A 284 -24.99 21.05 0.29
C VAL A 284 -24.22 21.89 1.32
N PRO A 285 -24.81 22.12 2.51
CA PRO A 285 -24.12 22.95 3.53
C PRO A 285 -22.92 22.27 4.20
N TYR A 286 -22.88 20.94 4.15
CA TYR A 286 -21.89 20.14 4.90
C TYR A 286 -22.03 20.34 6.41
N ASN A 287 -23.28 20.50 6.85
CA ASN A 287 -23.57 20.53 8.27
C ASN A 287 -23.16 19.21 8.88
N VAL A 288 -22.73 19.29 10.13
CA VAL A 288 -22.14 18.11 10.78
C VAL A 288 -23.22 17.25 11.43
N GLY A 289 -24.39 17.85 11.68
CA GLY A 289 -25.44 17.09 12.34
C GLY A 289 -25.30 17.27 13.83
N PRO A 290 -25.77 16.29 14.62
CA PRO A 290 -26.43 15.03 14.22
C PRO A 290 -27.84 15.23 13.63
N GLY A 291 -28.19 14.37 12.68
CA GLY A 291 -29.56 14.34 12.17
C GLY A 291 -29.89 15.47 11.20
N PHE A 292 -31.15 15.51 10.79
CA PHE A 292 -31.61 16.36 9.68
C PHE A 292 -32.25 17.67 10.21
N THR A 293 -32.36 18.68 9.35
CA THR A 293 -33.01 19.96 9.73
C THR A 293 -34.49 19.84 10.09
N GLY A 294 -35.01 20.86 10.79
CA GLY A 294 -36.34 20.86 11.38
C GLY A 294 -37.43 20.01 10.76
N ASN A 295 -37.74 20.26 9.48
CA ASN A 295 -38.85 19.57 8.81
C ASN A 295 -38.67 18.05 8.68
N PHE A 296 -37.42 17.63 8.59
CA PHE A 296 -37.10 16.21 8.37
C PHE A 296 -36.50 15.55 9.60
N SER A 297 -36.59 16.23 10.74
CA SER A 297 -35.99 15.79 11.99
C SER A 297 -36.38 14.36 12.36
N THR A 298 -37.55 13.93 11.91
CA THR A 298 -38.09 12.62 12.28
C THR A 298 -37.69 11.50 11.30
N GLN A 299 -37.06 11.86 10.19
CA GLN A 299 -36.52 10.86 9.28
C GLN A 299 -35.19 10.38 9.84
N LYS A 300 -34.82 9.14 9.46
CA LYS A 300 -33.61 8.50 9.90
C LYS A 300 -32.92 7.93 8.67
N VAL A 301 -31.69 7.45 8.86
CA VAL A 301 -31.00 6.72 7.81
C VAL A 301 -30.91 5.26 8.27
N LYS A 302 -31.15 4.34 7.34
CA LYS A 302 -31.09 2.92 7.64
C LYS A 302 -30.16 2.20 6.67
N MET A 303 -29.22 1.45 7.21
CA MET A 303 -28.33 0.64 6.37
C MET A 303 -28.89 -0.78 6.27
N HIS A 304 -28.58 -1.48 5.17
CA HIS A 304 -28.97 -2.88 5.03
C HIS A 304 -27.75 -3.59 4.44
N ILE A 305 -27.00 -4.26 5.31
CA ILE A 305 -25.77 -4.91 4.88
C ILE A 305 -25.89 -6.40 5.15
N HIS A 306 -25.73 -7.20 4.10
CA HIS A 306 -25.91 -8.67 4.19
C HIS A 306 -24.77 -9.48 3.59
N SER A 307 -23.64 -8.81 3.40
CA SER A 307 -22.43 -9.48 2.92
C SER A 307 -22.03 -10.60 3.85
N THR A 308 -21.31 -11.59 3.31
N THR A 308 -21.35 -11.61 3.31
CA THR A 308 -20.88 -12.74 4.12
CA THR A 308 -20.87 -12.71 4.15
C THR A 308 -19.39 -12.99 3.99
C THR A 308 -19.36 -12.83 4.04
N ASN A 309 -18.74 -13.27 5.12
CA ASN A 309 -17.31 -13.60 5.09
C ASN A 309 -17.27 -15.10 4.82
N GLU A 310 -16.35 -15.54 3.98
CA GLU A 310 -16.30 -16.97 3.61
C GLU A 310 -14.88 -17.41 3.29
N VAL A 311 -14.49 -18.55 3.83
CA VAL A 311 -13.16 -19.08 3.54
C VAL A 311 -13.16 -19.60 2.10
N THR A 312 -12.19 -19.12 1.31
CA THR A 312 -12.18 -19.29 -0.14
C THR A 312 -10.75 -19.52 -0.61
N ARG A 313 -10.60 -20.37 -1.64
CA ARG A 313 -9.24 -20.70 -2.13
C ARG A 313 -8.72 -19.55 -3.02
N ILE A 314 -7.44 -19.22 -2.84
CA ILE A 314 -6.77 -18.21 -3.66
C ILE A 314 -5.49 -18.83 -4.21
N TYR A 315 -4.95 -18.24 -5.28
CA TYR A 315 -3.83 -18.87 -5.97
C TYR A 315 -2.76 -17.85 -6.33
N ASN A 316 -1.53 -18.05 -5.87
CA ASN A 316 -0.42 -17.18 -6.32
C ASN A 316 0.32 -17.93 -7.42
N VAL A 317 0.77 -17.23 -8.43
CA VAL A 317 1.72 -17.86 -9.41
C VAL A 317 3.14 -17.47 -9.03
N ILE A 318 4.03 -18.48 -8.89
CA ILE A 318 5.40 -18.24 -8.44
C ILE A 318 6.33 -18.81 -9.53
N GLY A 319 7.05 -17.92 -10.19
CA GLY A 319 8.00 -18.33 -11.24
C GLY A 319 9.44 -18.16 -10.77
N THR A 320 10.33 -19.07 -11.17
CA THR A 320 11.72 -19.03 -10.71
C THR A 320 12.63 -18.97 -11.92
N LEU A 321 13.58 -18.04 -11.88
CA LEU A 321 14.71 -18.03 -12.85
C LEU A 321 15.97 -18.23 -12.00
N ARG A 322 16.49 -19.46 -11.99
CA ARG A 322 17.64 -19.84 -11.15
C ARG A 322 18.92 -19.06 -11.46
N GLY A 323 19.56 -18.55 -10.42
CA GLY A 323 20.86 -17.88 -10.56
C GLY A 323 21.99 -18.82 -10.96
N ALA A 324 22.88 -18.26 -11.76
CA ALA A 324 24.05 -18.99 -12.23
C ALA A 324 25.13 -19.15 -11.18
N VAL A 325 25.26 -18.17 -10.28
CA VAL A 325 26.39 -18.14 -9.34
C VAL A 325 25.90 -18.22 -7.89
N GLU A 326 24.86 -17.45 -7.58
CA GLU A 326 24.27 -17.42 -6.22
C GLU A 326 22.78 -17.77 -6.27
N PRO A 327 22.46 -19.03 -6.58
CA PRO A 327 21.06 -19.47 -6.67
C PRO A 327 20.31 -19.41 -5.34
N ASP A 328 21.07 -19.35 -4.23
CA ASP A 328 20.42 -19.20 -2.92
C ASP A 328 20.29 -17.76 -2.48
N ARG A 329 20.26 -16.82 -3.43
CA ARG A 329 19.97 -15.43 -3.13
C ARG A 329 18.81 -15.04 -4.02
N TYR A 330 17.78 -14.45 -3.43
CA TYR A 330 16.52 -14.23 -4.17
C TYR A 330 16.22 -12.76 -4.34
N VAL A 331 16.00 -12.39 -5.57
CA VAL A 331 15.49 -11.07 -5.89
C VAL A 331 14.04 -11.30 -6.36
N ILE A 332 13.07 -10.62 -5.76
CA ILE A 332 11.67 -10.92 -6.03
C ILE A 332 11.01 -9.73 -6.71
N LEU A 333 10.33 -9.99 -7.83
CA LEU A 333 9.44 -8.99 -8.44
C LEU A 333 8.03 -9.52 -8.29
N GLY A 334 7.21 -8.78 -7.57
CA GLY A 334 5.85 -9.33 -7.34
C GLY A 334 4.80 -8.27 -7.51
N GLY A 335 3.62 -8.70 -7.95
CA GLY A 335 2.49 -7.74 -7.96
C GLY A 335 1.24 -8.57 -8.02
N HIS A 336 0.10 -7.97 -7.74
CA HIS A 336 -1.11 -8.81 -7.69
C HIS A 336 -1.86 -8.85 -9.02
N ARG A 337 -2.78 -9.82 -9.09
CA ARG A 337 -3.53 -10.16 -10.28
C ARG A 337 -5.01 -9.99 -10.05
N ASP A 338 -5.44 -10.15 -8.78
CA ASP A 338 -6.89 -10.02 -8.47
C ASP A 338 -7.29 -8.58 -8.63
N SER A 339 -8.52 -8.35 -9.06
CA SER A 339 -9.00 -6.98 -9.22
C SER A 339 -10.41 -6.88 -8.61
N TRP A 340 -10.91 -5.67 -8.39
CA TRP A 340 -12.31 -5.53 -7.94
C TRP A 340 -13.26 -5.80 -9.10
N VAL A 341 -13.01 -5.19 -10.26
CA VAL A 341 -13.77 -5.51 -11.46
C VAL A 341 -12.76 -5.80 -12.60
N PHE A 342 -12.65 -4.90 -13.56
CA PHE A 342 -11.77 -5.16 -14.71
C PHE A 342 -10.31 -4.88 -14.46
N GLY A 343 -10.02 -4.05 -13.46
CA GLY A 343 -8.59 -3.81 -13.11
C GLY A 343 -7.73 -3.11 -14.17
N GLY A 344 -8.33 -2.21 -14.96
CA GLY A 344 -7.61 -1.56 -16.04
C GLY A 344 -6.33 -0.89 -15.60
N ILE A 345 -6.38 -0.20 -14.47
CA ILE A 345 -5.15 0.35 -13.89
C ILE A 345 -4.73 -0.60 -12.77
N ASP A 346 -5.61 -0.83 -11.81
CA ASP A 346 -5.26 -1.59 -10.58
C ASP A 346 -5.86 -3.01 -10.65
N PRO A 347 -5.04 -4.03 -10.88
CA PRO A 347 -3.56 -4.06 -10.92
C PRO A 347 -3.03 -4.29 -12.34
N GLN A 348 -3.90 -4.39 -13.37
CA GLN A 348 -3.40 -5.04 -14.59
C GLN A 348 -2.40 -4.17 -15.34
N SER A 349 -2.41 -2.87 -15.12
CA SER A 349 -1.32 -2.04 -15.71
C SER A 349 0.03 -2.44 -15.13
N GLY A 350 0.05 -2.89 -13.88
CA GLY A 350 1.29 -3.44 -13.30
C GLY A 350 1.55 -4.86 -13.77
N ALA A 351 0.52 -5.72 -13.76
CA ALA A 351 0.71 -7.11 -14.14
C ALA A 351 1.19 -7.26 -15.60
N ALA A 352 0.73 -6.37 -16.48
CA ALA A 352 1.15 -6.39 -17.88
C ALA A 352 2.63 -6.08 -17.97
N VAL A 353 3.06 -5.19 -17.09
CA VAL A 353 4.49 -4.78 -17.03
C VAL A 353 5.32 -5.96 -16.52
N VAL A 354 4.85 -6.64 -15.45
CA VAL A 354 5.56 -7.81 -14.98
C VAL A 354 5.65 -8.88 -16.09
N HIS A 355 4.55 -9.12 -16.79
CA HIS A 355 4.52 -10.11 -17.88
C HIS A 355 5.58 -9.81 -18.93
N GLU A 356 5.71 -8.54 -19.33
CA GLU A 356 6.72 -8.18 -20.33
C GLU A 356 8.16 -8.27 -19.78
N ILE A 357 8.33 -7.94 -18.50
CA ILE A 357 9.62 -8.18 -17.82
C ILE A 357 10.05 -9.66 -17.83
N VAL A 358 9.13 -10.54 -17.48
CA VAL A 358 9.37 -11.98 -17.50
C VAL A 358 9.71 -12.42 -18.93
N ARG A 359 8.94 -11.93 -19.90
CA ARG A 359 9.20 -12.26 -21.29
C ARG A 359 10.63 -11.82 -21.70
N SER A 360 11.02 -10.62 -21.28
CA SER A 360 12.37 -10.12 -21.63
C SER A 360 13.50 -10.92 -20.96
N PHE A 361 13.38 -11.22 -19.67
CA PHE A 361 14.38 -12.04 -18.97
C PHE A 361 14.42 -13.42 -19.60
N GLY A 362 13.26 -13.95 -19.98
CA GLY A 362 13.19 -15.25 -20.65
C GLY A 362 13.88 -15.27 -22.00
N THR A 363 13.83 -14.15 -22.72
CA THR A 363 14.50 -14.06 -24.02
C THR A 363 16.01 -14.20 -23.85
N LEU A 364 16.54 -13.52 -22.82
CA LEU A 364 17.96 -13.60 -22.56
C LEU A 364 18.32 -15.03 -22.14
N LYS A 365 17.47 -15.63 -21.31
CA LYS A 365 17.69 -16.98 -20.83
C LYS A 365 17.76 -17.99 -21.99
N LYS A 366 16.87 -17.85 -22.99
CA LYS A 366 16.89 -18.77 -24.15
C LYS A 366 18.15 -18.63 -24.98
N GLU A 367 18.80 -17.48 -24.88
CA GLU A 367 20.11 -17.25 -25.53
C GLU A 367 21.31 -17.72 -24.69
N GLY A 368 21.05 -18.30 -23.54
CA GLY A 368 22.13 -18.88 -22.73
C GLY A 368 22.51 -18.10 -21.49
N TRP A 369 21.88 -16.94 -21.27
CA TRP A 369 22.21 -16.12 -20.13
C TRP A 369 21.41 -16.58 -18.89
N ARG A 370 22.00 -16.39 -17.75
CA ARG A 370 21.24 -16.48 -16.48
C ARG A 370 21.71 -15.33 -15.62
N PRO A 371 20.83 -14.82 -14.75
CA PRO A 371 21.23 -13.79 -13.80
C PRO A 371 22.19 -14.38 -12.76
N ARG A 372 22.97 -13.54 -12.13
CA ARG A 372 23.90 -14.05 -11.10
C ARG A 372 23.12 -14.70 -9.94
N ARG A 373 22.11 -13.99 -9.51
CA ARG A 373 21.25 -14.44 -8.38
C ARG A 373 19.93 -14.94 -8.94
N THR A 374 19.21 -15.75 -8.16
CA THR A 374 17.87 -16.22 -8.52
C THR A 374 16.86 -15.04 -8.51
N ILE A 375 16.05 -14.97 -9.56
CA ILE A 375 14.91 -14.06 -9.57
C ILE A 375 13.63 -14.85 -9.41
N LEU A 376 12.77 -14.42 -8.48
CA LEU A 376 11.44 -15.02 -8.30
C LEU A 376 10.46 -13.97 -8.81
N PHE A 377 9.45 -14.44 -9.55
CA PHE A 377 8.41 -13.56 -10.08
C PHE A 377 7.07 -14.05 -9.46
N ALA A 378 6.24 -13.11 -9.02
CA ALA A 378 5.01 -13.52 -8.36
C ALA A 378 3.84 -12.74 -8.89
N SER A 379 2.75 -13.48 -9.11
CA SER A 379 1.45 -12.92 -9.43
C SER A 379 0.58 -13.25 -8.19
N TRP A 380 0.41 -12.28 -7.31
CA TRP A 380 -0.27 -12.56 -6.01
C TRP A 380 -1.78 -12.48 -6.18
N ASP A 381 -2.46 -13.25 -5.34
CA ASP A 381 -3.94 -13.23 -5.31
C ASP A 381 -4.39 -12.50 -4.05
N ALA A 382 -5.66 -12.09 -4.08
CA ALA A 382 -6.34 -11.50 -2.92
C ALA A 382 -5.61 -10.32 -2.27
N GLU A 383 -4.89 -9.54 -3.07
CA GLU A 383 -4.32 -8.31 -2.52
C GLU A 383 -5.42 -7.38 -2.08
N GLU A 384 -6.52 -7.35 -2.86
CA GLU A 384 -7.55 -6.37 -2.56
C GLU A 384 -8.26 -6.67 -1.24
N PHE A 385 -8.14 -7.91 -0.73
CA PHE A 385 -8.80 -8.25 0.52
C PHE A 385 -7.82 -8.17 1.70
N GLY A 386 -6.71 -7.41 1.53
CA GLY A 386 -5.80 -7.16 2.65
C GLY A 386 -4.43 -7.86 2.53
N LEU A 387 -3.95 -7.91 1.31
CA LEU A 387 -2.60 -8.41 1.04
C LEU A 387 -2.49 -9.93 1.37
N LEU A 388 -3.56 -10.68 1.10
CA LEU A 388 -3.64 -12.03 1.69
C LEU A 388 -2.69 -12.99 0.99
N GLY A 389 -2.62 -12.99 -0.34
CA GLY A 389 -1.79 -13.98 -1.05
C GLY A 389 -0.28 -13.79 -0.79
N SER A 390 0.18 -12.54 -0.84
CA SER A 390 1.62 -12.29 -0.59
C SER A 390 1.95 -12.67 0.86
N THR A 391 1.06 -12.28 1.77
CA THR A 391 1.34 -12.52 3.19
C THR A 391 1.31 -14.01 3.55
N GLU A 392 0.33 -14.77 3.05
CA GLU A 392 0.34 -16.22 3.34
C GLU A 392 1.58 -16.92 2.74
N TRP A 393 1.98 -16.53 1.52
CA TRP A 393 3.16 -17.13 0.90
C TRP A 393 4.45 -16.78 1.69
N ALA A 394 4.55 -15.53 2.13
CA ALA A 394 5.69 -15.14 2.93
C ALA A 394 5.67 -15.86 4.29
N GLU A 395 4.48 -16.06 4.87
CA GLU A 395 4.42 -16.86 6.13
C GLU A 395 4.91 -18.30 5.90
N GLU A 396 4.50 -18.88 4.78
CA GLU A 396 4.90 -20.24 4.47
C GLU A 396 6.45 -20.33 4.31
N ASN A 397 7.01 -19.33 3.65
CA ASN A 397 8.41 -19.39 3.20
C ASN A 397 9.32 -18.43 3.99
N SER A 398 8.87 -17.99 5.18
CA SER A 398 9.62 -16.98 5.97
C SER A 398 11.09 -17.37 6.22
N ARG A 399 11.35 -18.66 6.50
CA ARG A 399 12.75 -19.07 6.77
C ARG A 399 13.63 -18.89 5.55
N LEU A 400 13.09 -19.24 4.38
CA LEU A 400 13.87 -19.08 3.18
C LEU A 400 14.10 -17.60 2.88
N LEU A 401 13.08 -16.82 3.09
CA LEU A 401 13.14 -15.42 2.72
C LEU A 401 14.02 -14.66 3.67
N GLN A 402 13.97 -14.98 4.95
CA GLN A 402 14.81 -14.14 5.79
C GLN A 402 16.30 -14.51 5.72
N GLU A 403 16.63 -15.73 5.29
CA GLU A 403 18.05 -16.04 5.16
C GLU A 403 18.59 -15.83 3.74
N ARG A 404 17.70 -15.67 2.77
CA ARG A 404 18.12 -15.65 1.34
C ARG A 404 17.61 -14.45 0.56
N GLY A 405 16.72 -13.69 1.16
CA GLY A 405 16.00 -12.61 0.41
C GLY A 405 16.86 -11.36 0.29
N VAL A 406 17.21 -11.02 -0.93
CA VAL A 406 17.98 -9.82 -1.16
C VAL A 406 17.09 -8.57 -1.21
N ALA A 407 16.04 -8.65 -2.00
CA ALA A 407 15.19 -7.49 -2.23
C ALA A 407 13.87 -7.91 -2.83
N TYR A 408 12.89 -7.02 -2.64
CA TYR A 408 11.53 -7.19 -3.16
C TYR A 408 11.15 -5.91 -3.86
N ILE A 409 10.73 -6.04 -5.12
CA ILE A 409 10.26 -4.90 -5.90
C ILE A 409 8.78 -5.18 -6.20
N ASN A 410 7.95 -4.24 -5.80
CA ASN A 410 6.50 -4.42 -6.04
C ASN A 410 6.13 -3.96 -7.44
N ALA A 411 5.00 -4.45 -7.93
CA ALA A 411 4.55 -4.08 -9.28
C ALA A 411 3.03 -4.10 -9.35
N ASP A 412 2.40 -3.23 -8.59
CA ASP A 412 0.98 -2.97 -8.77
C ASP A 412 0.92 -1.89 -9.86
N SER A 413 -0.20 -1.18 -9.91
CA SER A 413 -0.50 -0.21 -10.97
C SER A 413 0.72 0.57 -11.46
N SER A 414 0.98 0.52 -12.75
CA SER A 414 2.16 1.21 -13.29
C SER A 414 1.89 2.70 -13.46
N ILE A 415 0.63 3.10 -13.57
CA ILE A 415 0.31 4.47 -13.84
C ILE A 415 -0.84 4.87 -12.93
N GLU A 416 -0.81 6.07 -12.39
CA GLU A 416 -1.98 6.65 -11.74
C GLU A 416 -2.07 8.08 -12.23
N GLY A 417 -1.27 8.38 -13.24
CA GLY A 417 -1.23 9.68 -13.88
C GLY A 417 -0.16 9.62 -14.96
N ASN A 418 0.09 10.74 -15.58
CA ASN A 418 1.04 10.77 -16.68
C ASN A 418 2.07 11.90 -16.55
N TYR A 419 2.29 12.35 -15.32
CA TYR A 419 3.07 13.58 -15.09
C TYR A 419 4.53 13.27 -14.79
N THR A 420 4.77 12.43 -13.78
CA THR A 420 6.17 12.12 -13.47
C THR A 420 6.28 10.84 -12.67
N LEU A 421 7.51 10.45 -12.39
CA LEU A 421 7.75 9.25 -11.60
C LEU A 421 7.41 9.42 -10.11
N ARG A 422 7.01 8.34 -9.45
CA ARG A 422 6.80 8.35 -7.99
C ARG A 422 7.56 7.12 -7.48
N VAL A 423 8.34 7.26 -6.40
CA VAL A 423 9.10 6.11 -5.88
C VAL A 423 9.02 6.12 -4.37
N ASP A 424 8.79 4.95 -3.78
CA ASP A 424 8.88 4.73 -2.33
C ASP A 424 9.84 3.55 -2.17
N CYS A 425 10.87 3.66 -1.34
CA CYS A 425 11.80 2.52 -1.19
C CYS A 425 12.63 2.72 0.03
N THR A 426 13.30 1.65 0.46
CA THR A 426 14.28 1.75 1.51
C THR A 426 15.46 2.65 1.12
N PRO A 427 16.02 3.40 2.09
CA PRO A 427 17.21 4.22 1.77
C PRO A 427 18.31 3.34 1.12
N LEU A 428 18.35 2.02 1.38
CA LEU A 428 19.42 1.20 0.75
C LEU A 428 19.37 1.17 -0.76
N MET A 429 18.22 1.53 -1.34
CA MET A 429 18.08 1.57 -2.79
C MET A 429 18.08 2.96 -3.40
N TYR A 430 18.30 4.00 -2.59
CA TYR A 430 18.24 5.36 -3.16
C TYR A 430 19.26 5.53 -4.28
N SER A 431 20.49 5.10 -4.02
CA SER A 431 21.57 5.30 -5.02
C SER A 431 21.31 4.52 -6.27
N LEU A 432 20.79 3.30 -6.12
CA LEU A 432 20.43 2.46 -7.28
C LEU A 432 19.39 3.16 -8.13
N VAL A 433 18.34 3.67 -7.48
CA VAL A 433 17.27 4.39 -8.21
C VAL A 433 17.81 5.62 -8.92
N HIS A 434 18.64 6.39 -8.23
CA HIS A 434 19.21 7.61 -8.85
C HIS A 434 20.04 7.21 -10.06
N ASN A 435 20.88 6.19 -9.89
CA ASN A 435 21.79 5.83 -11.00
C ASN A 435 21.04 5.25 -12.18
N LEU A 436 20.05 4.41 -11.90
CA LEU A 436 19.27 3.80 -12.99
C LEU A 436 18.49 4.87 -13.75
N THR A 437 17.79 5.75 -13.03
CA THR A 437 17.02 6.78 -13.73
C THR A 437 17.89 7.76 -14.55
N LYS A 438 19.17 7.91 -14.20
CA LYS A 438 20.05 8.76 -15.00
C LYS A 438 20.41 8.13 -16.34
N GLU A 439 20.21 6.83 -16.46
CA GLU A 439 20.53 6.09 -17.69
C GLU A 439 19.29 5.75 -18.51
N LEU A 440 18.11 6.09 -18.01
CA LEU A 440 16.88 5.89 -18.76
C LEU A 440 16.40 7.19 -19.43
N LYS A 441 15.75 7.04 -20.57
CA LYS A 441 15.24 8.20 -21.33
C LYS A 441 13.96 8.71 -20.68
N SER A 442 13.80 10.03 -20.56
CA SER A 442 12.49 10.55 -20.07
C SER A 442 11.44 10.36 -21.16
N PRO A 443 10.22 9.90 -20.79
CA PRO A 443 9.14 9.82 -21.80
C PRO A 443 8.32 11.11 -21.90
N ASP A 444 8.67 12.13 -21.10
CA ASP A 444 7.81 13.29 -20.90
C ASP A 444 7.96 14.29 -22.04
N GLU A 445 6.84 14.89 -22.44
N GLU A 445 6.85 14.90 -22.44
CA GLU A 445 6.86 15.97 -23.45
CA GLU A 445 6.86 16.00 -23.42
C GLU A 445 7.72 17.12 -22.92
C GLU A 445 7.74 17.13 -22.90
N GLY A 446 8.62 17.63 -23.75
CA GLY A 446 9.52 18.70 -23.35
C GLY A 446 10.86 18.22 -22.82
N PHE A 447 11.01 16.91 -22.60
CA PHE A 447 12.26 16.37 -22.09
C PHE A 447 12.84 15.33 -23.03
N GLU A 448 12.51 15.45 -24.31
CA GLU A 448 13.04 14.57 -25.34
C GLU A 448 14.55 14.62 -25.26
N GLY A 449 15.19 13.46 -25.21
CA GLY A 449 16.66 13.44 -25.15
C GLY A 449 17.26 13.69 -23.76
N LYS A 450 16.40 13.86 -22.77
CA LYS A 450 16.84 14.05 -21.41
C LYS A 450 16.62 12.76 -20.65
N SER A 451 17.30 12.65 -19.52
CA SER A 451 17.17 11.45 -18.69
C SER A 451 15.87 11.48 -17.88
N LEU A 452 15.43 10.31 -17.46
CA LEU A 452 14.28 10.24 -16.57
C LEU A 452 14.64 10.94 -15.25
N TYR A 453 15.90 10.80 -14.77
CA TYR A 453 16.29 11.46 -13.53
C TYR A 453 16.08 12.97 -13.67
N GLU A 454 16.44 13.55 -14.81
CA GLU A 454 16.31 15.00 -15.00
C GLU A 454 14.83 15.45 -14.92
N SER A 455 13.93 14.76 -15.63
CA SER A 455 12.51 15.15 -15.66
C SER A 455 11.86 14.93 -14.29
N TRP A 456 12.16 13.79 -13.66
CA TRP A 456 11.66 13.47 -12.35
C TRP A 456 12.11 14.48 -11.29
N THR A 457 13.39 14.85 -11.32
CA THR A 457 13.93 15.76 -10.34
C THR A 457 13.35 17.15 -10.50
N LYS A 458 13.10 17.55 -11.73
CA LYS A 458 12.50 18.85 -12.05
C LYS A 458 11.04 18.88 -11.54
N LYS A 459 10.30 17.79 -11.78
CA LYS A 459 8.85 17.76 -11.46
C LYS A 459 8.50 17.41 -10.03
N SER A 460 9.40 16.69 -9.36
CA SER A 460 9.18 16.22 -8.00
C SER A 460 10.44 16.38 -7.16
N PRO A 461 10.84 17.65 -6.88
CA PRO A 461 12.06 17.90 -6.15
C PRO A 461 12.00 17.38 -4.73
N SER A 462 13.13 16.90 -4.25
CA SER A 462 13.30 16.58 -2.86
C SER A 462 13.06 17.84 -2.05
N PRO A 463 12.31 17.72 -0.94
CA PRO A 463 12.16 18.85 -0.01
C PRO A 463 13.47 19.18 0.73
N GLU A 464 14.34 18.19 0.88
CA GLU A 464 15.67 18.37 1.51
C GLU A 464 16.82 18.82 0.58
N PHE A 465 16.96 18.23 -0.61
CA PHE A 465 18.17 18.41 -1.41
C PHE A 465 17.96 18.95 -2.82
N SER A 466 18.72 19.99 -3.13
CA SER A 466 18.75 20.56 -4.47
C SER A 466 19.26 19.51 -5.43
N GLY A 467 18.62 19.42 -6.59
CA GLY A 467 19.10 18.56 -7.67
C GLY A 467 18.87 17.07 -7.41
N MET A 468 18.05 16.77 -6.41
CA MET A 468 17.62 15.39 -6.11
C MET A 468 16.07 15.21 -6.09
N PRO A 469 15.58 14.03 -6.49
CA PRO A 469 14.12 13.82 -6.51
C PRO A 469 13.56 13.34 -5.16
N ARG A 470 12.26 13.48 -4.99
CA ARG A 470 11.59 12.98 -3.82
C ARG A 470 11.45 11.44 -3.89
N ILE A 471 11.80 10.78 -2.80
CA ILE A 471 11.47 9.36 -2.61
C ILE A 471 10.85 9.23 -1.24
N SER A 472 9.70 8.56 -1.14
CA SER A 472 8.96 8.53 0.09
C SER A 472 9.20 7.21 0.83
N LYS A 473 8.65 7.16 2.04
CA LYS A 473 8.79 6.00 2.93
C LYS A 473 7.72 4.95 2.66
N LEU A 474 8.06 3.70 2.91
CA LEU A 474 7.09 2.61 2.79
C LEU A 474 6.21 2.41 4.05
N GLY A 475 4.92 2.14 3.83
CA GLY A 475 3.99 1.89 4.88
C GLY A 475 3.31 0.56 4.60
N SER A 476 1.99 0.58 4.40
CA SER A 476 1.30 -0.61 4.02
C SER A 476 0.45 -0.26 2.76
N GLY A 477 -0.55 -1.08 2.50
CA GLY A 477 -1.44 -0.77 1.38
C GLY A 477 -1.08 -1.56 0.13
N ASN A 478 0.07 -2.26 0.14
CA ASN A 478 0.40 -3.13 -1.02
C ASN A 478 1.29 -4.29 -0.63
N ASP A 479 1.60 -5.18 -1.58
CA ASP A 479 2.12 -6.53 -1.27
C ASP A 479 3.56 -6.57 -0.79
N PHE A 480 4.29 -5.46 -0.89
CA PHE A 480 5.61 -5.39 -0.24
C PHE A 480 5.55 -5.42 1.30
N GLU A 481 4.37 -5.22 1.91
CA GLU A 481 4.31 -4.98 3.36
C GLU A 481 4.94 -6.13 4.16
N VAL A 482 4.55 -7.37 3.86
CA VAL A 482 5.08 -8.47 4.67
C VAL A 482 6.63 -8.56 4.51
N PHE A 483 7.11 -8.36 3.30
CA PHE A 483 8.56 -8.50 3.05
C PHE A 483 9.36 -7.44 3.78
N PHE A 484 8.88 -6.20 3.78
CA PHE A 484 9.63 -5.11 4.41
C PHE A 484 9.34 -4.93 5.90
N GLN A 485 8.06 -4.80 6.27
CA GLN A 485 7.72 -4.45 7.67
C GLN A 485 7.82 -5.69 8.61
N ARG A 486 7.53 -6.89 8.10
CA ARG A 486 7.66 -8.10 8.94
C ARG A 486 9.00 -8.76 8.84
N LEU A 487 9.49 -8.96 7.61
CA LEU A 487 10.70 -9.73 7.42
C LEU A 487 11.99 -8.92 7.30
N GLY A 488 11.88 -7.64 7.00
CA GLY A 488 13.12 -6.82 6.91
C GLY A 488 13.92 -7.11 5.64
N ILE A 489 13.23 -7.31 4.53
CA ILE A 489 13.87 -7.43 3.19
C ILE A 489 13.75 -6.07 2.51
N ALA A 490 14.89 -5.58 2.03
CA ALA A 490 14.93 -4.29 1.31
C ALA A 490 13.86 -4.29 0.22
N SER A 491 13.02 -3.27 0.18
CA SER A 491 11.90 -3.25 -0.78
C SER A 491 11.76 -1.89 -1.47
N GLY A 492 11.15 -1.90 -2.65
CA GLY A 492 10.88 -0.62 -3.37
C GLY A 492 9.68 -0.76 -4.30
N ARG A 493 9.19 0.39 -4.72
CA ARG A 493 8.06 0.46 -5.67
C ARG A 493 8.25 1.73 -6.47
N ALA A 494 7.78 1.72 -7.71
CA ALA A 494 7.84 2.91 -8.57
C ALA A 494 6.68 2.88 -9.54
N ARG A 495 6.12 4.06 -9.82
CA ARG A 495 5.05 4.15 -10.86
C ARG A 495 5.00 5.55 -11.42
N TYR A 496 4.23 5.73 -12.49
CA TYR A 496 3.97 7.09 -12.98
C TYR A 496 2.77 7.67 -12.26
N THR A 497 2.83 8.97 -11.95
CA THR A 497 1.82 9.59 -11.10
C THR A 497 1.38 10.95 -11.64
N LYS A 498 0.39 11.53 -10.97
CA LYS A 498 -0.08 12.89 -11.30
C LYS A 498 0.72 14.00 -10.64
N ASN A 499 0.36 15.24 -11.00
CA ASN A 499 0.66 16.45 -10.24
C ASN A 499 -0.61 16.78 -9.43
N TRP A 500 -0.77 16.20 -8.23
CA TRP A 500 -1.91 16.52 -7.30
C TRP A 500 -1.59 16.13 -5.82
N GLU A 501 -0.72 16.92 -5.19
CA GLU A 501 -0.12 16.63 -3.88
C GLU A 501 -1.07 16.32 -2.72
N THR A 502 -2.13 17.12 -2.57
CA THR A 502 -3.12 16.91 -1.50
C THR A 502 -3.94 15.61 -1.72
N ASN A 503 -3.78 15.03 -2.90
CA ASN A 503 -4.52 13.85 -3.25
C ASN A 503 -3.65 12.60 -3.35
N LYS A 504 -2.41 12.63 -2.83
CA LYS A 504 -1.50 11.50 -3.06
C LYS A 504 -1.90 10.17 -2.35
N PHE A 505 -2.80 10.24 -1.38
CA PHE A 505 -3.33 8.98 -0.77
C PHE A 505 -4.78 8.73 -1.11
N SER A 506 -5.36 9.52 -1.99
CA SER A 506 -6.80 9.35 -2.23
C SER A 506 -7.13 8.38 -3.36
N GLY A 507 -6.17 8.13 -4.27
CA GLY A 507 -6.44 7.34 -5.48
C GLY A 507 -6.87 8.26 -6.62
N TYR A 508 -6.61 7.82 -7.85
CA TYR A 508 -7.07 8.50 -9.07
C TYR A 508 -8.61 8.43 -9.06
N PRO A 509 -9.26 9.23 -9.91
CA PRO A 509 -10.71 9.36 -9.72
C PRO A 509 -11.47 8.02 -9.85
N LEU A 510 -11.03 7.16 -10.75
CA LEU A 510 -11.78 5.92 -11.04
C LEU A 510 -11.28 4.74 -10.25
N TYR A 511 -10.43 5.00 -9.26
CA TYR A 511 -9.89 3.94 -8.35
C TYR A 511 -10.98 3.01 -7.77
N HIS A 512 -10.84 1.72 -8.08
CA HIS A 512 -11.68 0.63 -7.53
C HIS A 512 -13.14 0.74 -7.98
N SER A 513 -13.34 1.43 -9.08
CA SER A 513 -14.66 1.52 -9.68
C SER A 513 -14.74 0.61 -10.96
N VAL A 514 -15.99 0.35 -11.37
CA VAL A 514 -16.24 -0.45 -12.58
C VAL A 514 -15.65 0.26 -13.82
N TYR A 515 -15.39 1.56 -13.71
CA TYR A 515 -14.93 2.32 -14.89
C TYR A 515 -13.43 2.18 -15.19
N GLU A 516 -12.69 1.48 -14.31
CA GLU A 516 -11.25 1.19 -14.54
C GLU A 516 -11.11 0.12 -15.59
N THR A 517 -11.00 0.51 -16.85
CA THR A 517 -11.02 -0.43 -17.95
C THR A 517 -9.79 -0.23 -18.83
N TYR A 518 -9.60 -1.16 -19.77
CA TYR A 518 -8.61 -1.00 -20.81
C TYR A 518 -8.79 0.35 -21.55
N GLU A 519 -10.03 0.70 -21.88
CA GLU A 519 -10.28 1.93 -22.63
C GLU A 519 -9.88 3.17 -21.86
N LEU A 520 -10.07 3.14 -20.54
CA LEU A 520 -9.64 4.25 -19.69
C LEU A 520 -8.15 4.48 -19.91
N VAL A 521 -7.36 3.40 -19.87
CA VAL A 521 -5.91 3.56 -19.98
C VAL A 521 -5.51 3.96 -21.40
N GLU A 522 -6.00 3.21 -22.39
CA GLU A 522 -5.63 3.43 -23.78
C GLU A 522 -6.07 4.78 -24.32
N LYS A 523 -7.24 5.26 -23.89
CA LYS A 523 -7.72 6.57 -24.37
C LYS A 523 -7.16 7.76 -23.60
N PHE A 524 -7.10 7.66 -22.27
CA PHE A 524 -6.87 8.84 -21.47
C PHE A 524 -5.57 8.88 -20.70
N TYR A 525 -4.98 7.72 -20.38
CA TYR A 525 -3.75 7.77 -19.60
C TYR A 525 -2.48 7.64 -20.43
N ASP A 526 -2.45 6.67 -21.34
CA ASP A 526 -1.17 6.26 -21.94
C ASP A 526 -1.37 5.62 -23.30
N PRO A 527 -1.89 6.40 -24.28
CA PRO A 527 -2.22 5.81 -25.58
C PRO A 527 -1.07 5.11 -26.27
N MET A 528 0.16 5.62 -26.09
CA MET A 528 1.38 5.05 -26.70
C MET A 528 2.06 4.00 -25.82
N PHE A 529 1.55 3.83 -24.61
CA PHE A 529 2.16 2.89 -23.65
C PHE A 529 3.62 3.23 -23.32
N LYS A 530 3.97 4.49 -23.50
CA LYS A 530 5.32 4.94 -23.20
C LYS A 530 5.57 5.11 -21.71
N TYR A 531 4.56 5.52 -20.96
CA TYR A 531 4.74 5.60 -19.50
C TYR A 531 4.83 4.20 -18.91
N HIS A 532 3.99 3.26 -19.39
CA HIS A 532 4.12 1.85 -19.00
C HIS A 532 5.53 1.34 -19.31
N LEU A 533 6.04 1.65 -20.50
CA LEU A 533 7.37 1.17 -20.86
C LEU A 533 8.42 1.75 -19.92
N THR A 534 8.32 3.04 -19.60
CA THR A 534 9.27 3.66 -18.65
C THR A 534 9.22 2.96 -17.29
N VAL A 535 8.03 2.74 -16.79
CA VAL A 535 7.91 2.00 -15.53
C VAL A 535 8.48 0.58 -15.62
N ALA A 536 8.27 -0.11 -16.74
CA ALA A 536 8.89 -1.44 -16.92
C ALA A 536 10.41 -1.38 -16.88
N GLN A 537 10.98 -0.34 -17.49
CA GLN A 537 12.44 -0.10 -17.42
C GLN A 537 12.94 0.17 -16.00
N VAL A 538 12.17 0.92 -15.21
CA VAL A 538 12.59 1.19 -13.84
C VAL A 538 12.46 -0.07 -13.02
N ARG A 539 11.28 -0.71 -13.02
CA ARG A 539 11.14 -1.91 -12.19
C ARG A 539 12.05 -3.03 -12.66
N GLY A 540 12.09 -3.25 -13.95
CA GLY A 540 12.90 -4.34 -14.50
C GLY A 540 14.38 -4.03 -14.33
N GLY A 541 14.76 -2.77 -14.55
CA GLY A 541 16.17 -2.38 -14.38
C GLY A 541 16.65 -2.57 -12.95
N MET A 542 15.78 -2.25 -11.99
CA MET A 542 16.11 -2.48 -10.57
C MET A 542 16.35 -3.96 -10.32
N VAL A 543 15.40 -4.80 -10.77
CA VAL A 543 15.53 -6.25 -10.58
C VAL A 543 16.81 -6.74 -11.27
N PHE A 544 17.07 -6.27 -12.50
CA PHE A 544 18.30 -6.67 -13.21
C PHE A 544 19.54 -6.37 -12.38
N GLU A 545 19.65 -5.15 -11.88
CA GLU A 545 20.85 -4.74 -11.13
C GLU A 545 20.96 -5.51 -9.81
N LEU A 546 19.85 -5.66 -9.09
CA LEU A 546 19.86 -6.43 -7.84
C LEU A 546 20.28 -7.86 -8.09
N ALA A 547 19.83 -8.44 -9.22
CA ALA A 547 20.10 -9.86 -9.47
C ALA A 547 21.46 -10.12 -10.14
N ASN A 548 22.07 -9.08 -10.69
N ASN A 548 22.05 -9.07 -10.74
CA ASN A 548 23.30 -9.29 -11.47
CA ASN A 548 23.25 -9.23 -11.57
C ASN A 548 24.54 -8.57 -11.03
C ASN A 548 24.52 -8.52 -11.10
N SER A 549 24.39 -7.49 -10.28
CA SER A 549 25.59 -6.75 -9.81
C SER A 549 26.47 -7.64 -8.94
N ILE A 550 27.77 -7.57 -9.12
N ILE A 550 27.78 -7.57 -9.11
CA ILE A 550 28.66 -8.40 -8.31
CA ILE A 550 28.67 -8.40 -8.30
C ILE A 550 28.56 -8.05 -6.82
C ILE A 550 28.56 -8.05 -6.82
N VAL A 551 28.66 -6.75 -6.54
CA VAL A 551 28.42 -6.23 -5.19
C VAL A 551 26.97 -5.74 -5.20
N LEU A 552 26.19 -6.14 -4.19
CA LEU A 552 24.80 -5.70 -4.13
C LEU A 552 24.75 -4.19 -4.19
N PRO A 553 23.78 -3.65 -4.97
CA PRO A 553 23.74 -2.22 -5.23
C PRO A 553 23.00 -1.46 -4.10
N PHE A 554 23.46 -1.64 -2.87
CA PHE A 554 22.89 -0.96 -1.68
C PHE A 554 23.92 -0.03 -1.09
N ASP A 555 23.55 1.20 -0.71
CA ASP A 555 24.51 2.13 -0.10
C ASP A 555 24.10 2.38 1.36
N CYS A 556 24.80 1.73 2.32
CA CYS A 556 24.47 1.93 3.74
C CYS A 556 24.60 3.38 4.20
N ARG A 557 25.43 4.19 3.55
CA ARG A 557 25.59 5.58 3.97
C ARG A 557 24.27 6.38 3.81
N ASP A 558 23.41 5.95 2.90
CA ASP A 558 22.14 6.64 2.68
C ASP A 558 21.20 6.38 3.87
N TYR A 559 21.34 5.21 4.48
CA TYR A 559 20.53 4.95 5.68
C TYR A 559 21.01 5.87 6.79
N ALA A 560 22.34 6.08 6.89
CA ALA A 560 22.85 6.93 7.97
C ALA A 560 22.28 8.36 7.83
N VAL A 561 22.23 8.88 6.61
CA VAL A 561 21.69 10.22 6.36
C VAL A 561 20.23 10.32 6.84
N VAL A 562 19.40 9.36 6.45
CA VAL A 562 17.96 9.46 6.84
C VAL A 562 17.74 9.24 8.33
N LEU A 563 18.55 8.36 8.93
CA LEU A 563 18.38 8.07 10.38
C LEU A 563 18.58 9.38 11.14
N ARG A 564 19.51 10.23 10.71
CA ARG A 564 19.73 11.50 11.41
C ARG A 564 18.53 12.40 11.23
N LYS A 565 18.05 12.50 9.99
N LYS A 565 18.03 12.50 9.99
CA LYS A 565 16.81 13.20 9.69
CA LYS A 565 16.81 13.28 9.77
C LYS A 565 15.65 12.75 10.59
C LYS A 565 15.62 12.76 10.60
N TYR A 566 15.46 11.43 10.72
CA TYR A 566 14.31 10.89 11.50
C TYR A 566 14.53 11.16 12.98
N ALA A 567 15.76 11.09 13.44
CA ALA A 567 16.04 11.37 14.84
C ALA A 567 15.76 12.85 15.18
N ASP A 568 16.20 13.75 14.30
CA ASP A 568 15.92 15.19 14.50
C ASP A 568 14.36 15.40 14.55
N LYS A 569 13.65 14.71 13.68
CA LYS A 569 12.21 14.91 13.58
C LYS A 569 11.50 14.41 14.86
N ILE A 570 11.87 13.21 15.33
CA ILE A 570 11.17 12.67 16.53
C ILE A 570 11.56 13.50 17.80
N TYR A 571 12.82 13.95 17.90
CA TYR A 571 13.24 14.85 18.96
C TYR A 571 12.38 16.13 18.94
N SER A 572 12.16 16.67 17.74
N SER A 572 12.16 16.69 17.75
CA SER A 572 11.39 17.90 17.60
CA SER A 572 11.39 17.93 17.62
C SER A 572 9.95 17.75 18.09
C SER A 572 9.93 17.77 18.07
N ILE A 573 9.35 16.60 17.84
CA ILE A 573 8.01 16.29 18.32
C ILE A 573 7.99 16.26 19.85
N SER A 574 9.01 15.62 20.43
CA SER A 574 9.06 15.50 21.89
C SER A 574 9.22 16.84 22.54
N MET A 575 10.03 17.69 21.89
CA MET A 575 10.37 19.03 22.40
C MET A 575 9.21 20.04 22.37
N LYS A 576 8.07 19.61 21.83
CA LYS A 576 6.81 20.33 22.06
C LYS A 576 6.37 20.28 23.55
N HIS A 577 6.98 19.39 24.34
CA HIS A 577 6.64 19.17 25.76
C HIS A 577 7.86 19.35 26.68
N PRO A 578 8.49 20.55 26.67
CA PRO A 578 9.75 20.68 27.38
C PRO A 578 9.62 20.45 28.90
N GLN A 579 8.52 20.89 29.52
CA GLN A 579 8.39 20.67 30.97
C GLN A 579 8.36 19.17 31.31
N GLU A 580 7.64 18.37 30.53
CA GLU A 580 7.59 16.93 30.79
C GLU A 580 8.93 16.26 30.56
N MET A 581 9.66 16.72 29.54
CA MET A 581 10.98 16.12 29.26
C MET A 581 11.91 16.40 30.44
N LYS A 582 11.76 17.58 31.06
CA LYS A 582 12.55 17.92 32.27
C LYS A 582 12.14 17.03 33.45
N THR A 583 10.83 16.96 33.69
CA THR A 583 10.29 16.22 34.83
C THR A 583 10.63 14.74 34.81
N TYR A 584 10.48 14.13 33.63
CA TYR A 584 10.72 12.70 33.49
C TYR A 584 12.09 12.36 32.92
N SER A 585 12.99 13.36 32.83
CA SER A 585 14.37 13.14 32.36
C SER A 585 14.36 12.39 31.03
N VAL A 586 13.60 12.91 30.07
CA VAL A 586 13.48 12.26 28.75
C VAL A 586 14.65 12.71 27.86
N SER A 587 15.58 11.81 27.61
CA SER A 587 16.79 12.17 26.83
C SER A 587 16.83 11.39 25.52
N PHE A 588 17.14 12.08 24.43
CA PHE A 588 17.34 11.40 23.13
C PHE A 588 18.84 11.16 22.89
N ASP A 589 19.67 11.45 23.89
CA ASP A 589 21.14 11.31 23.72
C ASP A 589 21.54 9.93 23.18
N SER A 590 20.93 8.86 23.70
CA SER A 590 21.31 7.51 23.26
C SER A 590 21.02 7.33 21.78
N LEU A 591 19.89 7.86 21.33
CA LEU A 591 19.51 7.65 19.94
C LEU A 591 20.43 8.46 19.00
N PHE A 592 20.76 9.69 19.39
CA PHE A 592 21.70 10.44 18.56
C PHE A 592 23.09 9.78 18.55
N SER A 593 23.48 9.22 19.70
CA SER A 593 24.75 8.49 19.76
C SER A 593 24.78 7.30 18.81
N ALA A 594 23.69 6.52 18.83
CA ALA A 594 23.59 5.37 17.95
C ALA A 594 23.66 5.78 16.47
N VAL A 595 22.99 6.88 16.13
CA VAL A 595 22.97 7.35 14.73
C VAL A 595 24.38 7.83 14.33
N LYS A 596 25.04 8.55 15.24
CA LYS A 596 26.44 8.96 14.99
C LYS A 596 27.36 7.74 14.76
N ASN A 597 27.17 6.71 15.59
CA ASN A 597 27.96 5.50 15.46
C ASN A 597 27.65 4.81 14.14
N PHE A 598 26.37 4.76 13.76
CA PHE A 598 25.98 4.13 12.52
C PHE A 598 26.67 4.85 11.34
N THR A 599 26.67 6.17 11.40
CA THR A 599 27.27 7.02 10.34
C THR A 599 28.76 6.69 10.20
N GLU A 600 29.46 6.63 11.33
CA GLU A 600 30.90 6.38 11.33
C GLU A 600 31.20 4.97 10.79
N ILE A 601 30.46 3.96 11.27
CA ILE A 601 30.70 2.58 10.89
C ILE A 601 30.34 2.37 9.43
N ALA A 602 29.22 2.96 9.01
CA ALA A 602 28.80 2.82 7.61
C ALA A 602 29.88 3.43 6.68
N SER A 603 30.45 4.57 7.06
CA SER A 603 31.52 5.18 6.26
C SER A 603 32.74 4.24 6.13
N LYS A 604 33.13 3.62 7.24
N LYS A 604 33.14 3.63 7.24
CA LYS A 604 34.24 2.70 7.22
CA LYS A 604 34.25 2.68 7.21
C LYS A 604 33.92 1.45 6.38
C LYS A 604 33.93 1.44 6.40
N PHE A 605 32.71 0.90 6.54
CA PHE A 605 32.31 -0.23 5.71
C PHE A 605 32.35 0.09 4.21
N SER A 606 31.87 1.27 3.83
CA SER A 606 31.89 1.68 2.42
C SER A 606 33.31 1.72 1.87
N GLU A 607 34.24 2.21 2.68
CA GLU A 607 35.65 2.23 2.26
C GLU A 607 36.11 0.81 2.01
N ARG A 608 35.80 -0.12 2.93
CA ARG A 608 36.27 -1.50 2.73
C ARG A 608 35.62 -2.09 1.50
N LEU A 609 34.37 -1.70 1.22
CA LEU A 609 33.64 -2.29 0.12
C LEU A 609 34.25 -1.85 -1.21
N GLN A 610 34.80 -0.65 -1.21
CA GLN A 610 35.41 -0.12 -2.42
C GLN A 610 36.82 -0.70 -2.63
N ASP A 611 37.44 -1.20 -1.54
CA ASP A 611 38.86 -1.61 -1.43
C ASP A 611 39.27 -3.11 -1.42
N PHE A 612 38.36 -4.06 -1.66
CA PHE A 612 38.72 -5.52 -1.64
C PHE A 612 38.74 -6.20 -3.05
N SER A 615 39.42 -9.95 -5.88
N SER A 615 37.20 -11.51 -7.02
CA SER A 615 39.44 -11.32 -6.31
CA SER A 615 37.38 -12.88 -7.50
C SER A 615 38.93 -12.37 -5.29
C SER A 615 37.58 -13.87 -6.36
N ASN A 616 38.54 -11.95 -4.08
N ASN A 616 37.51 -13.40 -5.13
CA ASN A 616 38.24 -12.86 -3.00
CA ASN A 616 37.57 -14.29 -3.97
C ASN A 616 36.72 -12.98 -2.85
C ASN A 616 36.12 -14.63 -3.58
N PRO A 617 36.15 -14.14 -3.22
N PRO A 617 35.61 -15.82 -3.97
CA PRO A 617 34.70 -14.23 -3.27
CA PRO A 617 34.18 -16.12 -3.75
C PRO A 617 34.10 -14.39 -1.90
C PRO A 617 33.67 -15.97 -2.30
N ILE A 618 34.89 -14.89 -0.93
N ILE A 618 34.40 -16.48 -1.31
CA ILE A 618 34.43 -15.03 0.45
CA ILE A 618 33.92 -16.33 0.09
C ILE A 618 34.29 -13.64 1.06
C ILE A 618 34.02 -14.91 0.62
N VAL A 619 35.28 -12.77 0.83
N VAL A 619 35.12 -14.22 0.32
CA VAL A 619 35.15 -11.43 1.35
CA VAL A 619 35.18 -12.81 0.74
C VAL A 619 34.00 -10.70 0.67
C VAL A 619 34.05 -11.95 0.12
N LEU A 620 33.88 -10.88 -0.65
N LEU A 620 33.73 -12.16 -1.15
CA LEU A 620 32.78 -10.31 -1.43
CA LEU A 620 32.64 -11.42 -1.77
C LEU A 620 31.44 -10.76 -0.84
C LEU A 620 31.33 -11.83 -1.10
N ARG A 621 31.25 -12.07 -0.68
N ARG A 621 31.26 -13.11 -0.75
CA ARG A 621 29.97 -12.58 -0.22
CA ARG A 621 30.05 -13.57 -0.06
C ARG A 621 29.80 -12.26 1.23
C ARG A 621 29.78 -12.85 1.29
N MET A 622 30.84 -12.48 2.03
CA MET A 622 30.75 -11.90 3.40
C MET A 622 30.25 -10.45 3.37
N MET A 623 30.79 -9.60 2.47
CA MET A 623 30.34 -8.22 2.47
C MET A 623 28.91 -8.09 1.82
N ASN A 624 28.61 -8.93 0.83
CA ASN A 624 27.22 -8.95 0.27
C ASN A 624 26.23 -9.39 1.37
N ASP A 625 26.60 -10.37 2.19
CA ASP A 625 25.73 -10.78 3.34
C ASP A 625 25.58 -9.63 4.31
N GLN A 626 26.64 -8.87 4.58
CA GLN A 626 26.47 -7.67 5.41
C GLN A 626 25.49 -6.69 4.82
N LEU A 627 25.57 -6.45 3.52
CA LEU A 627 24.60 -5.59 2.86
C LEU A 627 23.17 -6.14 2.91
N MET A 628 23.03 -7.43 2.64
CA MET A 628 21.70 -8.08 2.58
C MET A 628 21.03 -8.08 3.97
N PHE A 629 21.84 -8.35 4.98
CA PHE A 629 21.29 -8.44 6.38
C PHE A 629 21.17 -7.09 7.07
N LEU A 630 21.57 -5.99 6.42
CA LEU A 630 21.50 -4.69 7.07
C LEU A 630 20.02 -4.30 7.25
N GLU A 631 19.19 -4.40 6.21
CA GLU A 631 17.76 -4.15 6.41
C GLU A 631 17.19 -5.09 7.51
N ARG A 632 17.66 -6.32 7.51
CA ARG A 632 17.16 -7.33 8.46
C ARG A 632 17.49 -6.91 9.91
N ALA A 633 18.60 -6.16 10.06
CA ALA A 633 19.00 -5.79 11.41
C ALA A 633 18.04 -4.82 12.07
N PHE A 634 17.21 -4.12 11.27
CA PHE A 634 16.24 -3.19 11.89
C PHE A 634 14.99 -3.86 12.40
N ILE A 635 14.91 -5.17 12.24
CA ILE A 635 13.78 -5.96 12.76
C ILE A 635 13.96 -6.23 14.24
N ASP A 636 12.89 -5.95 15.01
CA ASP A 636 12.81 -6.35 16.43
C ASP A 636 11.92 -7.58 16.54
N PRO A 637 12.46 -8.68 17.02
CA PRO A 637 11.66 -9.93 17.01
C PRO A 637 10.45 -9.82 17.94
N LEU A 638 10.40 -8.82 18.83
CA LEU A 638 9.22 -8.67 19.71
C LEU A 638 8.12 -7.82 19.09
N GLY A 639 8.40 -7.25 17.91
CA GLY A 639 7.44 -6.36 17.22
C GLY A 639 7.26 -5.01 17.91
N LEU A 640 6.46 -4.14 17.30
CA LEU A 640 6.05 -2.90 17.98
C LEU A 640 4.90 -3.18 18.96
N PRO A 641 4.67 -2.25 19.93
CA PRO A 641 3.57 -2.47 20.90
C PRO A 641 2.21 -2.80 20.30
N ASP A 642 1.66 -3.94 20.73
CA ASP A 642 0.36 -4.50 20.24
C ASP A 642 0.30 -4.73 18.73
N ARG A 643 1.49 -4.67 18.10
N ARG A 643 1.46 -4.63 18.08
CA ARG A 643 1.59 -4.83 16.64
CA ARG A 643 1.55 -4.90 16.65
C ARG A 643 2.70 -5.89 16.34
C ARG A 643 2.68 -5.88 16.34
N PRO A 644 2.45 -7.17 16.63
CA PRO A 644 3.49 -8.17 16.52
C PRO A 644 4.05 -8.40 15.12
N PHE A 645 3.29 -8.00 14.09
CA PHE A 645 3.72 -8.19 12.71
C PHE A 645 4.31 -6.96 12.07
N TYR A 646 4.35 -5.87 12.83
CA TYR A 646 5.10 -4.70 12.33
C TYR A 646 6.39 -4.70 13.15
N ARG A 647 7.48 -5.22 12.57
CA ARG A 647 8.69 -5.53 13.37
C ARG A 647 9.85 -4.58 13.04
N HIS A 648 9.71 -3.75 12.00
CA HIS A 648 10.80 -2.87 11.62
C HIS A 648 10.79 -1.68 12.59
N VAL A 649 11.93 -1.34 13.13
CA VAL A 649 11.96 -0.30 14.19
C VAL A 649 12.07 1.10 13.56
N ILE A 650 12.52 1.18 12.31
CA ILE A 650 12.68 2.51 11.73
C ILE A 650 11.41 2.95 11.03
N TYR A 651 10.70 1.99 10.41
CA TYR A 651 9.47 2.34 9.62
C TYR A 651 8.32 1.46 10.04
N ALA A 652 7.10 1.99 10.07
CA ALA A 652 5.91 1.12 10.11
C ALA A 652 4.82 1.89 9.40
N PRO A 653 3.77 1.19 8.98
CA PRO A 653 2.61 1.90 8.48
C PRO A 653 2.08 2.83 9.56
N SER A 654 1.74 4.06 9.20
CA SER A 654 1.17 5.01 10.15
C SER A 654 -0.10 4.49 10.83
N SER A 655 -0.18 4.66 12.15
CA SER A 655 -1.36 4.17 12.87
C SER A 655 -2.61 4.98 12.54
N HIS A 656 -2.44 6.11 11.88
CA HIS A 656 -3.56 6.97 11.47
C HIS A 656 -3.84 6.88 9.98
N ASN A 657 -2.95 6.20 9.23
CA ASN A 657 -3.11 6.13 7.76
C ASN A 657 -2.21 5.01 7.25
N LYS A 658 -2.77 3.84 7.04
CA LYS A 658 -1.94 2.68 6.67
C LYS A 658 -1.21 2.87 5.37
N TYR A 659 -1.67 3.79 4.52
CA TYR A 659 -0.93 4.02 3.26
C TYR A 659 0.40 4.76 3.46
N ALA A 660 0.54 5.50 4.55
CA ALA A 660 1.70 6.36 4.76
C ALA A 660 2.72 5.57 5.62
N GLY A 661 4.01 5.75 5.38
CA GLY A 661 4.97 5.20 6.36
C GLY A 661 5.25 6.23 7.44
N GLU A 662 5.55 5.76 8.65
CA GLU A 662 5.92 6.61 9.77
C GLU A 662 7.35 6.20 10.15
N SER A 663 8.21 7.18 10.45
CA SER A 663 9.55 6.87 10.95
C SER A 663 9.60 6.82 12.47
N PHE A 664 10.54 6.00 13.01
CA PHE A 664 10.61 5.72 14.48
C PHE A 664 9.19 5.58 15.03
N PRO A 665 8.43 4.64 14.47
CA PRO A 665 7.01 4.51 14.80
C PRO A 665 6.75 4.20 16.26
N GLY A 666 7.63 3.46 16.93
CA GLY A 666 7.37 3.11 18.35
C GLY A 666 7.42 4.39 19.20
N ILE A 667 8.41 5.27 18.93
CA ILE A 667 8.48 6.53 19.68
C ILE A 667 7.35 7.45 19.22
N TYR A 668 7.06 7.45 17.92
CA TYR A 668 6.03 8.38 17.43
C TYR A 668 4.66 8.07 18.08
N ASP A 669 4.32 6.78 18.12
CA ASP A 669 3.04 6.43 18.74
C ASP A 669 3.04 6.67 20.26
N ALA A 670 4.16 6.43 20.94
CA ALA A 670 4.24 6.76 22.38
C ALA A 670 3.99 8.28 22.65
N LEU A 671 4.45 9.13 21.73
CA LEU A 671 4.32 10.59 21.88
C LEU A 671 2.95 11.15 21.41
N PHE A 672 2.27 10.38 20.56
CA PHE A 672 1.05 10.92 19.93
C PHE A 672 -0.05 11.19 20.96
N ASP A 673 -0.49 12.45 20.97
CA ASP A 673 -1.61 12.91 21.82
C ASP A 673 -1.24 12.67 23.29
N ILE A 674 0.06 12.73 23.62
CA ILE A 674 0.49 12.35 24.98
C ILE A 674 -0.10 13.27 26.06
N GLU A 675 -0.32 14.53 25.69
CA GLU A 675 -0.89 15.53 26.63
C GLU A 675 -2.30 15.18 27.10
N SER A 676 -2.93 14.20 26.45
CA SER A 676 -4.26 13.74 26.82
C SER A 676 -4.24 12.53 27.71
N LYS A 677 -3.07 11.89 27.89
CA LYS A 677 -2.98 10.69 28.71
C LYS A 677 -3.17 11.02 30.18
N VAL A 678 -3.86 10.13 30.89
N VAL A 678 -3.86 10.12 30.88
CA VAL A 678 -4.24 10.39 32.27
CA VAL A 678 -4.26 10.37 32.27
C VAL A 678 -3.10 10.20 33.27
C VAL A 678 -3.12 10.18 33.27
N ASP A 679 -2.15 9.33 32.93
CA ASP A 679 -1.01 9.04 33.80
C ASP A 679 0.25 9.45 33.04
N PRO A 680 0.66 10.72 33.18
CA PRO A 680 1.78 11.24 32.40
C PRO A 680 3.08 10.51 32.75
N SER A 681 3.25 10.09 34.00
CA SER A 681 4.44 9.31 34.39
C SER A 681 4.59 8.03 33.57
N LYS A 682 3.49 7.28 33.46
N LYS A 682 3.50 7.26 33.46
CA LYS A 682 3.48 6.04 32.71
CA LYS A 682 3.54 6.04 32.68
C LYS A 682 3.71 6.34 31.21
C LYS A 682 3.70 6.32 31.18
N ALA A 683 3.02 7.36 30.70
CA ALA A 683 3.10 7.69 29.26
C ALA A 683 4.55 8.07 28.87
N TRP A 684 5.17 8.96 29.68
CA TRP A 684 6.55 9.37 29.36
C TRP A 684 7.55 8.24 29.61
N GLY A 685 7.26 7.36 30.58
CA GLY A 685 8.07 6.15 30.76
C GLY A 685 8.08 5.31 29.51
N GLU A 686 6.92 5.17 28.85
CA GLU A 686 6.85 4.42 27.61
C GLU A 686 7.58 5.16 26.44
N VAL A 687 7.53 6.49 26.41
CA VAL A 687 8.39 7.20 25.46
C VAL A 687 9.88 6.85 25.68
N LYS A 688 10.33 6.91 26.93
CA LYS A 688 11.73 6.56 27.22
C LYS A 688 12.05 5.11 26.82
N ARG A 689 11.12 4.20 27.10
CA ARG A 689 11.33 2.81 26.67
C ARG A 689 11.55 2.70 25.16
N GLN A 690 10.71 3.39 24.40
CA GLN A 690 10.83 3.35 22.92
C GLN A 690 12.12 4.03 22.45
N ILE A 691 12.57 5.08 23.13
CA ILE A 691 13.86 5.65 22.74
C ILE A 691 14.99 4.64 22.92
N TYR A 692 14.99 3.94 24.06
CA TYR A 692 16.00 2.88 24.32
C TYR A 692 15.92 1.77 23.26
N VAL A 693 14.73 1.31 22.91
CA VAL A 693 14.64 0.26 21.87
C VAL A 693 15.17 0.76 20.54
N ALA A 694 14.82 2.00 20.19
CA ALA A 694 15.31 2.53 18.91
C ALA A 694 16.82 2.72 18.91
N ALA A 695 17.39 3.28 19.99
CA ALA A 695 18.85 3.51 20.06
C ALA A 695 19.59 2.18 20.02
N PHE A 696 19.07 1.21 20.77
CA PHE A 696 19.69 -0.10 20.75
C PHE A 696 19.66 -0.73 19.33
N THR A 697 18.52 -0.62 18.66
CA THR A 697 18.37 -1.27 17.34
C THR A 697 19.29 -0.60 16.35
N VAL A 698 19.34 0.75 16.36
CA VAL A 698 20.26 1.43 15.41
C VAL A 698 21.72 1.03 15.69
N GLN A 699 22.13 0.97 16.96
CA GLN A 699 23.50 0.54 17.27
C GLN A 699 23.75 -0.91 16.83
N ALA A 700 22.77 -1.77 17.06
CA ALA A 700 22.93 -3.18 16.69
C ALA A 700 23.03 -3.32 15.19
N ALA A 701 22.26 -2.53 14.44
CA ALA A 701 22.33 -2.57 12.96
C ALA A 701 23.71 -2.06 12.52
N ALA A 702 24.18 -0.99 13.16
CA ALA A 702 25.52 -0.44 12.83
C ALA A 702 26.58 -1.53 13.02
N GLU A 703 26.49 -2.27 14.12
CA GLU A 703 27.49 -3.28 14.44
C GLU A 703 27.54 -4.44 13.47
N THR A 704 26.46 -4.65 12.71
CA THR A 704 26.50 -5.70 11.66
C THR A 704 27.42 -5.29 10.51
N LEU A 705 27.73 -3.99 10.43
CA LEU A 705 28.66 -3.48 9.37
C LEU A 705 30.10 -3.42 9.86
N SER A 706 30.34 -3.62 11.17
CA SER A 706 31.74 -3.66 11.65
C SER A 706 32.51 -4.84 11.04
N GLU A 707 33.84 -4.80 11.13
CA GLU A 707 34.61 -6.00 10.78
C GLU A 707 34.06 -7.19 11.61
N VAL A 708 33.94 -8.34 10.94
CA VAL A 708 33.19 -9.46 11.52
C VAL A 708 33.96 -10.18 12.62
N ALA A 709 35.29 -9.97 12.66
CA ALA A 709 36.15 -10.63 13.68
C ALA A 709 37.53 -10.02 13.55
C1 NAG B . -5.40 -13.89 -23.49
C2 NAG B . -6.69 -14.38 -24.17
C3 NAG B . -6.75 -15.92 -24.12
C4 NAG B . -5.47 -16.58 -24.60
C5 NAG B . -4.28 -15.91 -23.92
C6 NAG B . -2.95 -16.50 -24.39
C7 NAG B . -8.49 -12.78 -24.03
C8 NAG B . -9.65 -12.21 -23.29
N2 NAG B . -7.83 -13.82 -23.47
O3 NAG B . -7.74 -16.34 -25.01
O4 NAG B . -5.56 -17.92 -24.19
O5 NAG B . -4.31 -14.52 -24.12
O6 NAG B . -2.86 -16.30 -25.79
O7 NAG B . -8.13 -12.28 -25.11
C1 NAG B . -5.36 -18.85 -25.29
C2 NAG B . -4.96 -20.22 -24.73
C3 NAG B . -4.93 -21.30 -25.83
C4 NAG B . -6.08 -21.22 -26.86
C5 NAG B . -6.36 -19.76 -27.26
C6 NAG B . -7.63 -19.61 -28.09
C7 NAG B . -3.34 -20.18 -22.80
C8 NAG B . -4.46 -20.08 -21.84
N2 NAG B . -3.62 -20.21 -24.11
O3 NAG B . -4.92 -22.56 -25.17
O4 NAG B . -5.76 -22.01 -28.01
O5 NAG B . -6.53 -18.97 -26.08
O6 NAG B . -8.74 -19.94 -27.27
O7 NAG B . -2.14 -20.18 -22.37
C1 NAG C . -28.38 -14.66 0.88
C2 NAG C . -28.16 -15.76 1.92
C3 NAG C . -29.26 -16.84 1.94
C4 NAG C . -30.67 -16.28 1.64
C5 NAG C . -30.61 -15.33 0.44
C6 NAG C . -31.99 -14.81 0.06
C7 NAG C . -25.86 -16.34 2.50
C8 NAG C . -26.12 -15.85 3.90
N2 NAG C . -26.85 -16.30 1.59
O3 NAG C . -29.26 -17.34 3.25
O4 NAG C . -31.61 -17.34 1.40
O5 NAG C . -29.71 -14.24 0.74
O6 NAG C . -32.54 -14.08 1.14
O7 NAG C . -24.75 -16.77 2.22
C1 FUC C . -33.97 -13.93 0.96
C2 FUC C . -34.64 -13.66 2.31
C3 FUC C . -34.22 -12.27 2.78
C4 FUC C . -34.58 -11.21 1.74
C5 FUC C . -34.02 -11.58 0.34
C6 FUC C . -34.52 -10.63 -0.76
O2 FUC C . -34.32 -14.64 3.28
O3 FUC C . -34.82 -11.96 4.02
O4 FUC C . -35.99 -11.03 1.69
O5 FUC C . -34.33 -12.92 0.00
C1 NAG D . -36.59 1.16 -1.44
C2 NAG D . -37.96 1.54 -2.03
C3 NAG D . -39.06 0.93 -1.17
C4 NAG D . -38.84 -0.56 -0.94
C5 NAG D . -37.38 -0.85 -0.47
C6 NAG D . -37.11 -2.36 -0.35
C7 NAG D . -38.05 3.71 -3.07
C8 NAG D . -38.25 5.19 -2.89
N2 NAG D . -38.12 2.98 -1.97
O3 NAG D . -40.30 1.15 -1.85
O4 NAG D . -39.72 -0.94 0.10
O5 NAG D . -36.50 -0.27 -1.40
O6 NAG D . -37.27 -2.93 -1.63
O7 NAG D . -37.84 3.23 -4.17
C1 NAG D . -40.52 -2.11 -0.28
C2 NAG D . -40.98 -2.75 1.01
C3 NAG D . -41.85 -3.97 0.69
C4 NAG D . -43.00 -3.58 -0.23
C5 NAG D . -42.40 -3.00 -1.51
C6 NAG D . -43.46 -2.66 -2.56
C7 NAG D . -39.30 -2.57 2.87
C8 NAG D . -39.88 -1.32 3.43
N2 NAG D . -39.82 -3.18 1.79
O3 NAG D . -42.34 -4.49 1.91
O4 NAG D . -43.83 -4.73 -0.43
O5 NAG D . -41.60 -1.84 -1.18
O6 NAG D . -44.09 -1.44 -2.18
O7 NAG D . -38.29 -3.04 3.43
C1 FUC D . -36.84 -4.31 -1.69
C2 FUC D . -37.37 -4.96 -2.95
C3 FUC D . -36.82 -4.19 -4.17
C4 FUC D . -35.28 -4.11 -4.14
C5 FUC D . -34.74 -3.75 -2.75
C6 FUC D . -33.25 -4.05 -2.65
O2 FUC D . -38.78 -4.97 -2.88
O3 FUC D . -37.22 -4.81 -5.36
O4 FUC D . -34.69 -5.33 -4.55
O5 FUC D . -35.42 -4.47 -1.72
C1 NAG E . 25.95 5.05 -8.43
C2 NAG E . 26.60 3.83 -7.79
C3 NAG E . 27.81 4.33 -7.04
C4 NAG E . 28.76 5.04 -8.02
C5 NAG E . 28.00 6.20 -8.66
C6 NAG E . 28.85 6.94 -9.74
C7 NAG E . 25.24 1.98 -6.74
C8 NAG E . 25.84 1.07 -7.75
N2 NAG E . 25.66 3.24 -6.79
O3 NAG E . 28.44 3.19 -6.47
O4 NAG E . 29.76 5.58 -7.19
O5 NAG E . 26.89 5.64 -9.34
O6 NAG E . 29.36 5.94 -10.61
O7 NAG E . 24.43 1.53 -5.83
C1 NAG E . 31.08 5.27 -7.70
C2 NAG E . 32.02 6.19 -6.96
C3 NAG E . 33.48 5.85 -7.28
C4 NAG E . 33.74 4.35 -7.09
C5 NAG E . 32.71 3.53 -7.85
C6 NAG E . 32.90 2.03 -7.59
C7 NAG E . 31.14 8.38 -6.33
C8 NAG E . 30.89 9.82 -6.70
N2 NAG E . 31.73 7.60 -7.25
O3 NAG E . 34.29 6.67 -6.46
O4 NAG E . 34.99 3.97 -7.66
O5 NAG E . 31.40 3.92 -7.44
O6 NAG E . 32.88 1.81 -6.18
O7 NAG E . 30.75 7.97 -5.23
C1 BMA E . 35.99 3.72 -6.66
C2 BMA E . 36.89 2.61 -7.21
C3 BMA E . 38.03 2.25 -6.24
C4 BMA E . 38.76 3.50 -5.73
C5 BMA E . 37.84 4.69 -5.43
C6 BMA E . 38.64 5.98 -5.39
O2 BMA E . 37.40 3.08 -8.48
O3 BMA E . 38.96 1.31 -6.87
O4 BMA E . 39.47 3.16 -4.52
O5 BMA E . 36.78 4.87 -6.40
O6 BMA E . 38.00 6.86 -4.45
C1 NAG F . 28.58 4.69 20.26
C2 NAG F . 27.81 3.91 21.35
C3 NAG F . 28.52 4.12 22.71
C4 NAG F . 30.00 3.72 22.61
C5 NAG F . 30.61 4.38 21.37
C6 NAG F . 32.04 3.84 21.22
C7 NAG F . 25.40 3.52 21.64
C8 NAG F . 24.01 4.09 21.73
N2 NAG F . 26.42 4.39 21.43
O3 NAG F . 27.87 3.35 23.71
O4 NAG F . 30.77 4.27 23.69
O5 NAG F . 29.85 4.02 20.22
O6 NAG F . 32.81 4.67 20.36
O7 NAG F . 25.57 2.31 21.75
C1 NAG F . 30.59 3.44 24.84
C2 NAG F . 31.93 3.15 25.50
C3 NAG F . 31.77 2.55 26.89
C4 NAG F . 30.83 3.42 27.74
C5 NAG F . 29.52 3.45 26.91
C6 NAG F . 28.36 4.12 27.62
C7 NAG F . 33.86 2.71 24.11
C8 NAG F . 34.26 4.15 24.24
N2 NAG F . 32.74 2.24 24.71
O3 NAG F . 33.07 2.47 27.43
O4 NAG F . 30.48 2.81 28.98
O5 NAG F . 29.78 4.17 25.71
O6 NAG F . 28.61 5.50 27.58
O7 NAG F . 34.54 1.96 23.42
C1 BMA F . 31.39 3.10 30.03
C2 BMA F . 30.59 3.17 31.33
C3 BMA F . 31.50 3.30 32.53
C4 BMA F . 32.56 2.18 32.48
C5 BMA F . 33.28 2.16 31.13
C6 BMA F . 34.31 1.04 31.02
O2 BMA F . 29.86 1.93 31.41
O3 BMA F . 30.66 3.18 33.69
O4 BMA F . 33.51 2.34 33.52
O5 BMA F . 32.28 1.98 30.11
O6 BMA F . 34.75 0.94 29.66
C1 MAN F . 30.94 4.27 34.62
C2 MAN F . 30.31 3.86 35.97
C3 MAN F . 28.77 3.85 35.82
C4 MAN F . 28.24 5.17 35.28
C5 MAN F . 28.98 5.50 33.99
C6 MAN F . 28.48 6.78 33.30
O2 MAN F . 30.74 4.78 36.97
O3 MAN F . 28.10 3.51 37.01
O4 MAN F . 26.85 5.07 35.05
O5 MAN F . 30.40 5.51 34.20
O6 MAN F . 28.71 7.87 34.19
C1 NAG G . -21.82 10.05 24.36
C2 NAG G . -21.35 10.08 25.81
C3 NAG G . -21.45 8.67 26.37
C4 NAG G . -22.94 8.30 26.43
C5 NAG G . -23.57 8.37 25.04
C6 NAG G . -25.08 8.65 25.19
C7 NAG G . -19.71 11.90 26.07
C8 NAG G . -18.25 12.27 26.18
N2 NAG G . -19.99 10.60 25.93
O3 NAG G . -20.88 8.63 27.65
O4 NAG G . -23.06 7.02 27.00
O5 NAG G . -23.07 9.39 24.19
O6 NAG G . -25.80 7.45 25.09
O7 NAG G . -20.57 12.80 26.10
C1 NAG H . -2.10 13.24 -19.70
C2 NAG H . -3.22 13.56 -18.72
C3 NAG H . -4.08 14.66 -19.38
C4 NAG H . -3.27 15.95 -19.47
C5 NAG H . -2.03 15.60 -20.32
C6 NAG H . -1.12 16.81 -20.61
C7 NAG H . -4.24 12.01 -17.15
C8 NAG H . -5.10 10.81 -16.91
N2 NAG H . -4.01 12.39 -18.41
O3 NAG H . -5.26 14.85 -18.65
O4 NAG H . -4.00 17.08 -20.01
O5 NAG H . -1.33 14.46 -19.80
O6 NAG H . -0.57 17.37 -19.43
O7 NAG H . -3.80 12.61 -16.19
ZN ZN I . -6.56 -1.93 -5.32
ZN ZN J . -3.73 -3.02 -6.55
CA CA K . -1.81 -16.79 7.81
CL CL L . 3.39 -0.56 -6.79
CAL 2QQ M . 0.78 4.71 -4.28
CAJ 2QQ M . 2.01 4.61 -5.00
CAZ 2QQ M . 3.30 4.73 -4.44
IAH 2QQ M . 5.19 4.55 -5.67
CAK 2QQ M . 3.19 4.98 -3.03
CAM 2QQ M . 1.97 5.06 -2.29
CBA 2QQ M . 0.68 4.95 -2.91
CAY 2QQ M . -0.71 4.98 -2.16
OAE 2QQ M . -0.84 4.43 -1.06
NAS 2QQ M . -1.83 5.41 -2.79
CAP 2QQ M . -3.17 5.33 -2.16
CAN 2QQ M . -4.26 4.88 -3.15
CAO 2QQ M . -3.89 3.63 -4.03
CAR 2QQ M . -3.77 2.36 -3.12
CBC 2QQ M . -3.40 1.05 -3.90
CAW 2QQ M . -1.96 1.15 -4.36
OAG 2QQ M . -1.03 0.91 -3.53
OAC 2QQ M . -1.84 1.43 -5.57
NAU 2QQ M . -3.50 -0.04 -2.92
CAX 2QQ M . -4.61 -0.71 -2.70
OAD 2QQ M . -5.68 -0.43 -3.30
N 2QQ M . -4.57 -1.73 -1.81
CA 2QQ M . -5.88 -2.31 -1.45
C 2QQ M . -6.70 -1.16 -0.72
OXT 2QQ M . -7.94 -1.31 -0.63
O 2QQ M . -6.09 -0.14 -0.30
CB 2QQ M . -5.76 -3.50 -0.48
CAI 2QQ M . -5.09 -3.28 0.79
CAA 2QQ M . -4.53 -3.10 1.82
#